data_4L8K
#
_entry.id   4L8K
#
_cell.length_a   42.333
_cell.length_b   131.213
_cell.length_c   129.056
_cell.angle_alpha   90.000
_cell.angle_beta   90.550
_cell.angle_gamma   90.000
#
_symmetry.space_group_name_H-M   'P 1 21 1'
#
loop_
_entity.id
_entity.type
_entity.pdbx_description
1 polymer 'putative peptidase'
2 non-polymer 'PHOSPHATE ION'
3 non-polymer (4S)-2-METHYL-2,4-PENTANEDIOL
4 non-polymer 'CHLORIDE ION'
5 non-polymer (4R)-2-METHYLPENTANE-2,4-DIOL
6 water water
#
_entity_poly.entity_id   1
_entity_poly.type   'polypeptide(L)'
_entity_poly.pdbx_seq_one_letter_code
;GTKYNSSPRDNFEALWRI(MSE)DENYCFFAFKDVDWDDVYDRYNLLVKDT(MSE)NQYELFDILGK(MSE)LAEVKDGH
TNLISSFD(MSE)SRYWAWYEDYPANFYKEIQDNYLGTDYKIAGG(MSE)KYKRLADDQIGYVYYGSFSSGVGENNLDY
(MSE)FAHFKECKGLIFDVRDNGGGS(MSE)LYSDRIASRFLEERILTGYTQYKKGNGHNDFTQPNPVYLSPSDRTRWLR
PVIVLTNRHSYSATNDFVNV(MSE)RLLPQVTV(MSE)GDRTGGGSGLPFSSELPNGWSVRFSACPVLDVNKQHTEFGID
PDTAVAITGEDI(MSE)KGRDTIIEAAIGLLLAKGDSAISY
;
_entity_poly.pdbx_strand_id   A,B,C,D
#
# COMPACT_ATOMS: atom_id res chain seq x y z
N SER A 6 55.54 -10.60 -33.26
CA SER A 6 54.56 -11.56 -32.74
CA SER A 6 54.55 -11.55 -32.73
C SER A 6 54.05 -12.48 -33.85
N SER A 7 54.71 -13.66 -33.96
CA SER A 7 54.44 -14.69 -34.95
C SER A 7 53.13 -15.49 -34.70
N PRO A 8 52.49 -15.98 -35.79
CA PRO A 8 51.24 -16.75 -35.62
C PRO A 8 51.40 -18.01 -34.77
N ARG A 9 52.53 -18.71 -34.93
CA ARG A 9 52.75 -19.93 -34.18
C ARG A 9 52.96 -19.65 -32.68
N ASP A 10 53.57 -18.49 -32.30
CA ASP A 10 53.75 -18.10 -30.90
C ASP A 10 52.42 -17.79 -30.24
N ASN A 11 51.50 -17.14 -31.00
CA ASN A 11 50.16 -16.81 -30.52
C ASN A 11 49.30 -18.07 -30.47
N PHE A 12 49.47 -18.99 -31.42
CA PHE A 12 48.78 -20.28 -31.37
C PHE A 12 49.17 -21.03 -30.08
N GLU A 13 50.49 -21.18 -29.84
CA GLU A 13 51.06 -21.87 -28.68
C GLU A 13 50.57 -21.24 -27.38
N ALA A 14 50.63 -19.90 -27.25
CA ALA A 14 50.21 -19.16 -26.06
C ALA A 14 48.71 -19.34 -25.79
N LEU A 15 47.85 -19.19 -26.82
CA LEU A 15 46.42 -19.37 -26.69
C LEU A 15 46.05 -20.80 -26.27
N TRP A 16 46.68 -21.82 -26.90
CA TRP A 16 46.41 -23.23 -26.56
C TRP A 16 46.76 -23.49 -25.07
N ARG A 17 47.92 -22.98 -24.62
CA ARG A 17 48.44 -23.11 -23.26
C ARG A 17 47.56 -22.38 -22.24
N ILE A 18 47.09 -21.16 -22.58
CA ILE A 18 46.21 -20.38 -21.68
C ILE A 18 44.91 -21.19 -21.42
N ASP A 20 44.52 -24.59 -21.98
CA ASP A 20 44.94 -25.84 -21.35
C ASP A 20 45.08 -25.74 -19.82
N GLU A 21 45.65 -24.63 -19.34
CA GLU A 21 45.92 -24.44 -17.93
C GLU A 21 44.83 -23.74 -17.15
N ASN A 22 43.95 -22.93 -17.80
CA ASN A 22 42.94 -22.13 -17.08
C ASN A 22 41.48 -22.46 -17.41
N TYR A 23 41.19 -23.08 -18.56
CA TYR A 23 39.80 -23.43 -18.93
C TYR A 23 39.29 -24.51 -17.95
N CYS A 24 38.11 -24.25 -17.34
CA CYS A 24 37.54 -25.05 -16.25
C CYS A 24 36.61 -26.19 -16.67
N PHE A 25 36.17 -26.26 -17.95
CA PHE A 25 35.11 -27.22 -18.26
C PHE A 25 35.43 -28.27 -19.31
N PHE A 26 36.72 -28.65 -19.44
CA PHE A 26 37.14 -29.69 -20.39
C PHE A 26 36.44 -31.06 -20.18
N ALA A 27 36.14 -31.42 -18.92
CA ALA A 27 35.47 -32.68 -18.55
C ALA A 27 34.04 -32.79 -19.12
N PHE A 28 33.43 -31.66 -19.51
CA PHE A 28 32.06 -31.60 -20.04
C PHE A 28 32.03 -31.39 -21.55
N LYS A 29 33.17 -31.56 -22.24
CA LYS A 29 33.28 -31.36 -23.68
C LYS A 29 33.66 -32.65 -24.43
N ASP A 30 33.07 -32.87 -25.61
CA ASP A 30 33.29 -34.03 -26.45
C ASP A 30 34.70 -34.06 -27.06
N VAL A 31 35.40 -32.90 -27.13
CA VAL A 31 36.75 -32.87 -27.70
C VAL A 31 37.82 -33.10 -26.61
N ASP A 32 39.00 -33.53 -27.07
CA ASP A 32 40.24 -33.70 -26.30
C ASP A 32 41.15 -32.54 -26.73
N TRP A 33 41.59 -31.72 -25.76
CA TRP A 33 42.40 -30.54 -26.01
C TRP A 33 43.79 -30.86 -26.58
N ASP A 34 44.30 -32.09 -26.36
CA ASP A 34 45.57 -32.54 -26.92
C ASP A 34 45.43 -32.83 -28.43
N ASP A 35 44.27 -33.39 -28.85
CA ASP A 35 43.97 -33.66 -30.27
C ASP A 35 43.69 -32.36 -31.01
N VAL A 36 43.16 -31.34 -30.28
CA VAL A 36 42.91 -29.98 -30.80
C VAL A 36 44.29 -29.35 -31.08
N TYR A 37 45.27 -29.60 -30.18
CA TYR A 37 46.63 -29.10 -30.40
C TYR A 37 47.22 -29.72 -31.69
N ASP A 38 47.16 -31.06 -31.82
CA ASP A 38 47.72 -31.80 -32.97
C ASP A 38 47.14 -31.33 -34.29
N ARG A 39 45.82 -31.10 -34.34
CA ARG A 39 45.14 -30.66 -35.56
C ARG A 39 45.52 -29.22 -35.94
N TYR A 40 45.40 -28.28 -34.99
CA TYR A 40 45.68 -26.86 -35.24
C TYR A 40 47.17 -26.56 -35.41
N ASN A 41 48.04 -27.44 -34.89
CA ASN A 41 49.48 -27.35 -35.05
C ASN A 41 49.84 -27.41 -36.54
N LEU A 42 49.08 -28.24 -37.31
CA LEU A 42 49.28 -28.45 -38.76
C LEU A 42 48.65 -27.34 -39.58
N LEU A 43 47.72 -26.58 -38.98
CA LEU A 43 47.00 -25.53 -39.67
C LEU A 43 47.64 -24.14 -39.52
N VAL A 44 48.20 -23.82 -38.35
CA VAL A 44 48.80 -22.51 -38.12
C VAL A 44 50.21 -22.45 -38.77
N LYS A 45 50.41 -21.48 -39.67
CA LYS A 45 51.69 -21.23 -40.36
C LYS A 45 52.14 -19.81 -40.12
N ASP A 46 53.45 -19.56 -39.98
CA ASP A 46 53.98 -18.21 -39.76
C ASP A 46 53.78 -17.27 -40.98
N THR A 47 53.33 -17.80 -42.13
CA THR A 47 53.05 -17.01 -43.33
C THR A 47 51.64 -16.41 -43.29
N ASN A 49 48.50 -14.06 -42.28
CA ASN A 49 48.34 -12.67 -41.87
C ASN A 49 47.49 -12.67 -40.57
N GLN A 50 47.31 -11.52 -39.92
CA GLN A 50 46.58 -11.43 -38.64
C GLN A 50 45.10 -11.87 -38.73
N TYR A 51 44.47 -11.72 -39.90
CA TYR A 51 43.06 -12.07 -40.10
C TYR A 51 42.88 -13.59 -40.23
N GLU A 52 43.79 -14.25 -40.96
CA GLU A 52 43.80 -15.70 -41.13
C GLU A 52 44.06 -16.38 -39.77
N LEU A 53 45.02 -15.83 -38.99
CA LEU A 53 45.35 -16.33 -37.66
C LEU A 53 44.13 -16.19 -36.74
N PHE A 54 43.47 -15.02 -36.78
CA PHE A 54 42.31 -14.75 -35.96
C PHE A 54 41.16 -15.76 -36.26
N ASP A 55 40.92 -16.04 -37.54
CA ASP A 55 39.87 -17.00 -37.93
C ASP A 55 40.15 -18.42 -37.42
N ILE A 56 41.41 -18.90 -37.58
CA ILE A 56 41.80 -20.24 -37.18
C ILE A 56 41.79 -20.37 -35.63
N LEU A 57 42.30 -19.36 -34.90
CA LEU A 57 42.31 -19.42 -33.45
C LEU A 57 40.90 -19.33 -32.86
N GLY A 58 40.03 -18.60 -33.55
CA GLY A 58 38.63 -18.49 -33.16
C GLY A 58 37.93 -19.83 -33.31
N LYS A 59 38.23 -20.55 -34.42
CA LYS A 59 37.69 -21.89 -34.70
C LYS A 59 38.17 -22.89 -33.66
N LEU A 61 38.95 -22.11 -30.49
CA LEU A 61 38.20 -21.89 -29.26
C LEU A 61 36.79 -22.43 -29.39
N ALA A 62 36.20 -22.36 -30.59
CA ALA A 62 34.84 -22.86 -30.82
C ALA A 62 34.76 -24.40 -30.70
N GLU A 63 35.91 -25.09 -30.62
CA GLU A 63 35.96 -26.55 -30.41
C GLU A 63 35.33 -26.95 -29.07
N VAL A 64 35.38 -26.07 -28.06
CA VAL A 64 34.77 -26.35 -26.75
C VAL A 64 33.29 -25.91 -26.72
N LYS A 65 32.73 -25.38 -27.84
CA LYS A 65 31.31 -25.02 -27.97
C LYS A 65 30.79 -24.28 -26.73
N ASP A 66 31.45 -23.15 -26.40
CA ASP A 66 31.18 -22.38 -25.21
C ASP A 66 30.81 -20.93 -25.54
N GLY A 67 29.57 -20.55 -25.18
CA GLY A 67 29.05 -19.20 -25.41
C GLY A 67 29.73 -18.17 -24.55
N HIS A 68 30.49 -18.62 -23.55
CA HIS A 68 31.20 -17.74 -22.61
C HIS A 68 32.65 -17.54 -23.00
N THR A 69 33.13 -18.19 -24.07
CA THR A 69 34.51 -18.09 -24.54
C THR A 69 34.58 -17.19 -25.77
N ASN A 70 35.54 -16.23 -25.76
CA ASN A 70 35.77 -15.30 -26.87
C ASN A 70 37.24 -14.94 -27.06
N LEU A 71 37.64 -14.73 -28.31
CA LEU A 71 38.95 -14.23 -28.69
C LEU A 71 38.71 -12.80 -29.15
N ILE A 72 39.42 -11.82 -28.55
CA ILE A 72 39.19 -10.42 -28.84
C ILE A 72 40.41 -9.75 -29.41
N SER A 73 40.28 -9.16 -30.60
CA SER A 73 41.29 -8.35 -31.25
C SER A 73 40.70 -6.97 -31.42
N SER A 74 41.43 -6.06 -32.08
CA SER A 74 40.96 -4.71 -32.30
C SER A 74 40.04 -4.65 -33.53
N PHE A 75 39.95 -5.72 -34.32
CA PHE A 75 39.10 -5.76 -35.54
C PHE A 75 37.90 -6.70 -35.40
N ASP A 76 37.94 -7.70 -34.50
CA ASP A 76 36.82 -8.62 -34.32
C ASP A 76 36.86 -9.34 -32.98
N SER A 78 35.71 -13.27 -31.70
CA SER A 78 35.24 -14.61 -32.06
C SER A 78 34.18 -15.02 -31.05
N ARG A 79 33.23 -15.83 -31.48
CA ARG A 79 32.16 -16.28 -30.59
C ARG A 79 31.55 -17.59 -31.04
N TYR A 80 30.96 -18.32 -30.09
CA TYR A 80 30.18 -19.51 -30.37
C TYR A 80 28.78 -19.12 -29.86
N TRP A 81 28.04 -18.33 -30.68
CA TRP A 81 26.77 -17.82 -30.20
C TRP A 81 25.61 -18.71 -30.49
N ALA A 82 25.86 -19.90 -31.12
CA ALA A 82 24.91 -21.00 -31.27
C ALA A 82 24.46 -21.44 -29.86
N TRP A 83 25.30 -21.21 -28.84
CA TRP A 83 24.99 -21.49 -27.44
C TRP A 83 23.68 -20.75 -27.03
N TYR A 84 23.50 -19.50 -27.54
CA TYR A 84 22.32 -18.68 -27.24
C TYR A 84 21.24 -18.79 -28.31
N GLU A 85 21.66 -18.72 -29.59
CA GLU A 85 20.82 -18.68 -30.78
C GLU A 85 20.14 -19.99 -31.07
N ASP A 86 20.59 -21.13 -30.50
CA ASP A 86 19.92 -22.42 -30.73
C ASP A 86 18.63 -22.51 -29.92
N TYR A 87 18.39 -21.55 -29.03
CA TYR A 87 17.19 -21.44 -28.19
C TYR A 87 16.31 -20.31 -28.71
N PRO A 88 14.96 -20.37 -28.53
CA PRO A 88 14.11 -19.25 -28.99
C PRO A 88 14.38 -17.99 -28.17
N ALA A 89 14.07 -16.81 -28.74
CA ALA A 89 14.25 -15.54 -28.04
C ALA A 89 13.49 -15.55 -26.69
N ASN A 90 12.21 -15.96 -26.73
CA ASN A 90 11.29 -16.09 -25.55
C ASN A 90 11.14 -14.79 -24.79
N PHE A 91 11.30 -13.66 -25.51
CA PHE A 91 11.15 -12.29 -24.99
C PHE A 91 11.08 -11.34 -26.17
N TYR A 92 10.13 -10.39 -26.14
CA TYR A 92 9.96 -9.36 -27.17
C TYR A 92 9.51 -8.14 -26.46
N LYS A 93 10.31 -7.08 -26.55
CA LYS A 93 10.04 -5.79 -25.92
C LYS A 93 8.65 -5.24 -26.37
N GLU A 94 8.32 -5.38 -27.66
CA GLU A 94 7.05 -4.90 -28.25
C GLU A 94 5.85 -5.60 -27.60
N ILE A 95 5.97 -6.91 -27.27
CA ILE A 95 4.90 -7.65 -26.60
C ILE A 95 4.87 -7.24 -25.10
N GLN A 96 6.05 -7.07 -24.49
CA GLN A 96 6.18 -6.61 -23.11
C GLN A 96 5.50 -5.21 -22.91
N ASP A 97 5.61 -4.32 -23.94
CA ASP A 97 4.97 -2.98 -23.97
C ASP A 97 3.46 -3.09 -23.73
N ASN A 98 2.81 -4.20 -24.12
CA ASN A 98 1.38 -4.40 -23.89
C ASN A 98 1.03 -4.61 -22.41
N TYR A 99 2.01 -5.00 -21.60
CA TYR A 99 1.86 -5.24 -20.17
C TYR A 99 2.35 -4.04 -19.38
N LEU A 100 3.53 -3.50 -19.74
CA LEU A 100 4.05 -2.35 -19.03
C LEU A 100 3.35 -1.05 -19.43
N GLY A 101 2.93 -0.93 -20.69
CA GLY A 101 2.31 0.29 -21.20
C GLY A 101 3.25 1.49 -21.11
N THR A 102 2.67 2.66 -20.80
CA THR A 102 3.45 3.89 -20.64
C THR A 102 3.41 4.39 -19.19
N ASP A 103 2.51 3.84 -18.36
CA ASP A 103 2.28 4.28 -16.99
C ASP A 103 2.96 3.38 -15.93
N TYR A 104 3.95 2.57 -16.34
CA TYR A 104 4.70 1.71 -15.42
C TYR A 104 5.62 2.60 -14.54
N LYS A 105 6.03 2.09 -13.40
CA LYS A 105 6.86 2.86 -12.48
C LYS A 105 8.32 2.52 -12.69
N ILE A 106 9.24 3.48 -12.39
CA ILE A 106 10.69 3.31 -12.53
C ILE A 106 11.35 3.49 -11.16
N ALA A 107 12.00 2.44 -10.65
CA ALA A 107 12.72 2.47 -9.36
C ALA A 107 14.12 1.88 -9.60
N GLY A 108 15.09 2.77 -9.87
CA GLY A 108 16.44 2.38 -10.23
C GLY A 108 16.40 1.66 -11.56
N GLY A 109 17.01 0.48 -11.62
CA GLY A 109 17.03 -0.35 -12.81
C GLY A 109 15.78 -1.19 -13.02
N LYS A 111 11.57 -1.68 -13.73
CA LYS A 111 10.30 -1.22 -14.30
C LYS A 111 9.27 -2.05 -13.60
N TYR A 112 8.22 -1.43 -13.02
CA TYR A 112 7.27 -2.25 -12.30
C TYR A 112 5.84 -1.75 -12.46
N LYS A 113 4.90 -2.69 -12.43
CA LYS A 113 3.48 -2.41 -12.61
C LYS A 113 2.61 -3.54 -12.07
N ARG A 114 1.42 -3.19 -11.56
CA ARG A 114 0.43 -4.19 -11.11
C ARG A 114 -0.37 -4.68 -12.31
N LEU A 115 -0.55 -6.00 -12.40
CA LEU A 115 -1.35 -6.63 -13.44
C LEU A 115 -2.53 -7.41 -12.82
N ALA A 116 -3.46 -7.89 -13.68
CA ALA A 116 -4.61 -8.73 -13.36
C ALA A 116 -5.46 -8.15 -12.18
N ASP A 117 -6.11 -7.00 -12.44
CA ASP A 117 -6.97 -6.28 -11.50
C ASP A 117 -6.25 -6.05 -10.15
N ASP A 118 -4.96 -5.62 -10.25
CA ASP A 118 -4.06 -5.26 -9.16
C ASP A 118 -3.73 -6.43 -8.20
N GLN A 119 -3.94 -7.70 -8.64
CA GLN A 119 -3.66 -8.89 -7.82
C GLN A 119 -2.22 -9.35 -7.95
N ILE A 120 -1.55 -8.97 -9.07
CA ILE A 120 -0.20 -9.45 -9.35
C ILE A 120 0.77 -8.29 -9.60
N GLY A 121 1.88 -8.32 -8.87
CA GLY A 121 2.98 -7.37 -9.04
C GLY A 121 3.92 -7.86 -10.13
N TYR A 122 4.22 -7.03 -11.13
CA TYR A 122 5.14 -7.43 -12.21
C TYR A 122 6.38 -6.52 -12.17
N VAL A 123 7.57 -7.13 -12.14
CA VAL A 123 8.84 -6.39 -12.18
C VAL A 123 9.65 -6.87 -13.39
N TYR A 124 10.16 -5.95 -14.19
CA TYR A 124 11.13 -6.27 -15.21
C TYR A 124 12.48 -5.67 -14.78
N TYR A 125 13.49 -6.53 -14.66
CA TYR A 125 14.83 -6.10 -14.30
C TYR A 125 15.77 -6.55 -15.45
N GLY A 126 16.03 -5.63 -16.38
CA GLY A 126 16.79 -5.91 -17.59
C GLY A 126 18.29 -6.05 -17.45
N SER A 127 18.88 -5.45 -16.41
CA SER A 127 20.34 -5.47 -16.27
C SER A 127 20.79 -5.37 -14.83
N PHE A 128 21.69 -6.27 -14.39
CA PHE A 128 22.30 -6.19 -13.05
C PHE A 128 23.39 -5.09 -13.01
N SER A 129 23.59 -4.32 -14.13
CA SER A 129 24.51 -3.17 -14.24
C SER A 129 23.76 -1.89 -13.88
N SER A 130 22.44 -1.93 -13.95
CA SER A 130 21.57 -0.83 -13.58
C SER A 130 21.16 -1.06 -12.13
N GLY A 131 21.73 -0.26 -11.24
CA GLY A 131 21.53 -0.34 -9.80
C GLY A 131 20.14 -0.23 -9.24
N VAL A 132 19.95 -0.90 -8.11
CA VAL A 132 18.69 -0.91 -7.36
C VAL A 132 19.08 -0.63 -5.92
N GLY A 133 18.52 0.43 -5.34
CA GLY A 133 18.77 0.80 -3.94
C GLY A 133 17.79 0.11 -3.01
N GLU A 134 18.04 0.21 -1.69
CA GLU A 134 17.20 -0.39 -0.65
C GLU A 134 15.80 0.25 -0.62
N ASN A 135 15.73 1.58 -0.85
CA ASN A 135 14.46 2.33 -0.89
C ASN A 135 13.67 1.94 -2.13
N ASN A 136 14.34 1.81 -3.29
CA ASN A 136 13.72 1.34 -4.54
C ASN A 136 12.94 0.05 -4.31
N LEU A 137 13.61 -0.94 -3.66
CA LEU A 137 13.02 -2.23 -3.35
C LEU A 137 11.85 -2.10 -2.37
N ASP A 138 12.02 -1.32 -1.28
CA ASP A 138 10.96 -1.10 -0.29
C ASP A 138 9.71 -0.47 -0.92
N TYR A 139 9.90 0.50 -1.83
CA TYR A 139 8.80 1.20 -2.52
C TYR A 139 8.07 0.28 -3.51
N PHE A 141 7.90 -3.08 -3.31
CA PHE A 141 7.17 -4.03 -2.49
C PHE A 141 5.93 -3.39 -1.86
N ALA A 142 6.02 -2.13 -1.40
CA ALA A 142 4.85 -1.44 -0.81
C ALA A 142 3.74 -1.20 -1.89
N HIS A 143 4.14 -0.93 -3.14
CA HIS A 143 3.18 -0.78 -4.23
C HIS A 143 2.41 -2.11 -4.48
N PHE A 144 3.03 -3.24 -4.09
CA PHE A 144 2.51 -4.60 -4.29
C PHE A 144 1.99 -5.24 -2.98
N LYS A 145 1.80 -4.44 -1.92
CA LYS A 145 1.33 -4.87 -0.59
C LYS A 145 0.05 -5.72 -0.65
N GLU A 146 -0.91 -5.34 -1.47
CA GLU A 146 -2.21 -6.02 -1.61
C GLU A 146 -2.21 -7.16 -2.65
N CYS A 147 -1.12 -7.31 -3.41
CA CYS A 147 -0.97 -8.36 -4.42
C CYS A 147 -0.79 -9.75 -3.79
N LYS A 148 -1.36 -10.75 -4.47
CA LYS A 148 -1.35 -12.20 -4.20
C LYS A 148 0.05 -12.81 -4.46
N GLY A 149 0.72 -12.31 -5.49
CA GLY A 149 2.03 -12.81 -5.86
C GLY A 149 2.80 -11.85 -6.72
N LEU A 150 4.06 -12.21 -7.02
CA LEU A 150 4.98 -11.39 -7.76
C LEU A 150 5.58 -12.13 -8.94
N ILE A 151 5.75 -11.40 -10.04
CA ILE A 151 6.47 -11.87 -11.22
C ILE A 151 7.77 -11.05 -11.25
N PHE A 152 8.93 -11.74 -11.17
CA PHE A 152 10.24 -11.08 -11.24
C PHE A 152 10.90 -11.53 -12.57
N ASP A 153 10.79 -10.69 -13.58
CA ASP A 153 11.23 -11.03 -14.93
C ASP A 153 12.67 -10.58 -15.18
N VAL A 154 13.57 -11.56 -15.38
CA VAL A 154 15.00 -11.31 -15.67
C VAL A 154 15.38 -11.89 -17.07
N ARG A 155 14.40 -12.03 -17.96
CA ARG A 155 14.66 -12.47 -19.33
C ARG A 155 15.46 -11.38 -20.04
N ASP A 156 16.43 -11.77 -20.88
CA ASP A 156 17.29 -10.85 -21.61
C ASP A 156 18.21 -10.03 -20.66
N ASN A 157 18.49 -10.55 -19.47
CA ASN A 157 19.38 -9.87 -18.53
C ASN A 157 20.72 -10.62 -18.55
N GLY A 158 21.68 -10.04 -19.25
CA GLY A 158 23.03 -10.56 -19.42
C GLY A 158 23.94 -10.44 -18.21
N GLY A 159 23.39 -10.05 -17.07
CA GLY A 159 24.15 -9.93 -15.83
C GLY A 159 24.57 -8.51 -15.50
N GLY A 160 25.63 -8.40 -14.73
CA GLY A 160 26.17 -7.13 -14.26
C GLY A 160 26.76 -7.28 -12.88
N SER A 161 26.34 -6.42 -11.94
CA SER A 161 26.96 -6.44 -10.62
C SER A 161 26.26 -7.34 -9.64
N LEU A 163 26.52 -7.08 -6.54
CA LEU A 163 26.07 -6.27 -5.42
C LEU A 163 24.54 -6.20 -5.45
N TYR A 164 23.96 -6.04 -6.64
CA TYR A 164 22.50 -5.93 -6.81
C TYR A 164 21.87 -7.28 -6.82
N SER A 165 22.60 -8.28 -7.30
CA SER A 165 22.16 -9.66 -7.26
C SER A 165 21.86 -10.05 -5.81
N ASP A 166 22.86 -9.92 -4.90
CA ASP A 166 22.73 -10.23 -3.46
CA ASP A 166 22.79 -10.21 -3.46
C ASP A 166 21.70 -9.37 -2.77
N ARG A 167 21.62 -8.07 -3.10
CA ARG A 167 20.68 -7.13 -2.50
C ARG A 167 19.23 -7.50 -2.83
N ILE A 168 18.94 -7.89 -4.09
CA ILE A 168 17.57 -8.28 -4.47
C ILE A 168 17.24 -9.65 -3.85
N ALA A 169 18.08 -10.69 -4.06
CA ALA A 169 17.86 -12.06 -3.57
C ALA A 169 17.63 -12.13 -2.06
N SER A 170 18.35 -11.30 -1.27
CA SER A 170 18.26 -11.28 0.19
C SER A 170 16.86 -10.83 0.72
N ARG A 171 16.03 -10.21 -0.16
CA ARG A 171 14.66 -9.77 0.14
C ARG A 171 13.66 -10.93 0.12
N PHE A 172 14.07 -12.12 -0.33
CA PHE A 172 13.16 -13.26 -0.45
C PHE A 172 13.51 -14.40 0.54
N LEU A 173 14.49 -14.15 1.41
CA LEU A 173 14.97 -15.11 2.40
C LEU A 173 14.24 -14.98 3.72
N GLU A 174 14.03 -16.13 4.38
CA GLU A 174 13.41 -16.23 5.71
C GLU A 174 14.51 -16.35 6.76
N GLU A 175 15.62 -16.97 6.35
CA GLU A 175 16.77 -17.25 7.20
C GLU A 175 18.02 -17.35 6.36
N ARG A 176 19.20 -17.32 7.01
CA ARG A 176 20.51 -17.50 6.38
C ARG A 176 20.51 -18.89 5.71
N ILE A 177 21.01 -18.97 4.48
CA ILE A 177 21.03 -20.22 3.71
C ILE A 177 22.33 -20.38 2.95
N LEU A 178 22.65 -21.65 2.64
CA LEU A 178 23.72 -22.03 1.76
C LEU A 178 23.18 -21.77 0.34
N THR A 179 23.89 -20.99 -0.50
CA THR A 179 23.41 -20.66 -1.85
C THR A 179 24.04 -21.56 -2.91
N GLY A 180 25.17 -22.16 -2.55
CA GLY A 180 25.93 -23.03 -3.42
C GLY A 180 27.38 -22.98 -3.05
N TYR A 181 28.24 -23.33 -4.03
CA TYR A 181 29.68 -23.42 -3.84
C TYR A 181 30.44 -22.81 -4.99
N THR A 182 31.71 -22.45 -4.72
CA THR A 182 32.65 -21.98 -5.74
C THR A 182 33.91 -22.85 -5.64
N GLN A 183 34.58 -23.06 -6.77
CA GLN A 183 35.85 -23.77 -6.90
C GLN A 183 36.76 -22.89 -7.70
N TYR A 184 38.07 -22.98 -7.52
CA TYR A 184 38.92 -22.19 -8.40
C TYR A 184 40.08 -23.06 -8.87
N LYS A 185 40.61 -22.74 -10.05
CA LYS A 185 41.69 -23.49 -10.67
C LYS A 185 42.91 -23.41 -9.76
N LYS A 186 43.32 -24.57 -9.21
CA LYS A 186 44.44 -24.74 -8.30
C LYS A 186 45.77 -24.94 -9.07
N GLY A 187 45.69 -25.63 -10.21
CA GLY A 187 46.83 -25.93 -11.08
C GLY A 187 46.46 -26.13 -12.53
N ASN A 188 47.47 -26.41 -13.35
CA ASN A 188 47.41 -26.58 -14.80
C ASN A 188 46.50 -27.75 -15.25
N GLY A 189 46.46 -28.84 -14.46
CA GLY A 189 45.59 -29.99 -14.73
C GLY A 189 44.13 -29.60 -14.90
N HIS A 190 43.44 -30.16 -15.91
CA HIS A 190 42.07 -29.83 -16.32
C HIS A 190 41.05 -29.99 -15.18
N ASN A 191 41.34 -30.89 -14.21
CA ASN A 191 40.46 -31.13 -13.07
C ASN A 191 41.15 -30.76 -11.75
N ASP A 192 42.20 -29.93 -11.82
CA ASP A 192 42.94 -29.50 -10.64
C ASP A 192 42.26 -28.29 -10.01
N PHE A 193 41.17 -28.53 -9.28
CA PHE A 193 40.42 -27.48 -8.60
C PHE A 193 40.57 -27.57 -7.11
N THR A 194 40.32 -26.45 -6.44
CA THR A 194 40.26 -26.41 -4.99
C THR A 194 38.93 -27.07 -4.58
N GLN A 195 38.78 -27.45 -3.30
CA GLN A 195 37.56 -28.05 -2.78
C GLN A 195 36.41 -27.04 -2.82
N PRO A 196 35.16 -27.50 -3.09
CA PRO A 196 34.02 -26.54 -3.15
C PRO A 196 33.92 -25.69 -1.89
N ASN A 197 33.94 -24.37 -2.06
CA ASN A 197 33.85 -23.42 -0.95
C ASN A 197 32.39 -22.96 -0.79
N PRO A 198 31.76 -23.21 0.39
CA PRO A 198 30.36 -22.79 0.58
C PRO A 198 30.15 -21.27 0.60
N VAL A 199 29.10 -20.82 -0.07
CA VAL A 199 28.72 -19.42 -0.13
C VAL A 199 27.36 -19.31 0.56
N TYR A 200 27.22 -18.37 1.49
CA TYR A 200 25.96 -18.16 2.22
C TYR A 200 25.37 -16.78 1.94
N LEU A 201 24.05 -16.65 2.13
CA LEU A 201 23.33 -15.39 1.99
C LEU A 201 22.40 -15.23 3.21
N SER A 202 22.41 -14.03 3.80
CA SER A 202 21.59 -13.72 4.96
C SER A 202 20.39 -12.91 4.53
N PRO A 203 19.24 -13.05 5.22
CA PRO A 203 18.07 -12.25 4.86
C PRO A 203 18.29 -10.76 5.14
N SER A 204 17.57 -9.92 4.41
CA SER A 204 17.62 -8.47 4.57
C SER A 204 16.87 -8.05 5.85
N ASP A 205 17.23 -6.88 6.40
CA ASP A 205 16.53 -6.29 7.56
C ASP A 205 15.39 -5.37 7.08
N ARG A 206 15.35 -5.12 5.77
CA ARG A 206 14.35 -4.28 5.10
C ARG A 206 13.12 -5.12 4.67
N THR A 207 12.22 -4.57 3.86
CA THR A 207 10.98 -5.27 3.45
C THR A 207 11.32 -6.56 2.68
N ARG A 208 10.72 -7.68 3.12
CA ARG A 208 10.92 -8.99 2.50
C ARG A 208 9.64 -9.45 1.82
N TRP A 209 9.77 -10.29 0.77
CA TRP A 209 8.61 -10.83 0.06
C TRP A 209 8.59 -12.34 0.24
N LEU A 210 7.63 -12.82 1.03
CA LEU A 210 7.55 -14.25 1.34
C LEU A 210 6.32 -14.88 0.69
N ARG A 211 5.55 -14.09 -0.07
CA ARG A 211 4.41 -14.54 -0.86
C ARG A 211 4.91 -15.22 -2.14
N PRO A 212 4.06 -15.97 -2.89
CA PRO A 212 4.55 -16.62 -4.12
C PRO A 212 5.25 -15.66 -5.10
N VAL A 213 6.31 -16.18 -5.77
CA VAL A 213 7.11 -15.45 -6.75
C VAL A 213 7.32 -16.32 -7.97
N ILE A 214 7.13 -15.73 -9.17
CA ILE A 214 7.49 -16.41 -10.40
C ILE A 214 8.68 -15.65 -10.99
N VAL A 215 9.83 -16.32 -11.12
CA VAL A 215 11.04 -15.74 -11.74
C VAL A 215 11.01 -16.17 -13.22
N LEU A 216 11.07 -15.20 -14.14
CA LEU A 216 11.02 -15.50 -15.57
C LEU A 216 12.42 -15.49 -16.16
N THR A 217 12.79 -16.57 -16.85
CA THR A 217 14.12 -16.71 -17.45
C THR A 217 14.07 -17.13 -18.93
N ASN A 218 15.14 -16.83 -19.64
CA ASN A 218 15.33 -17.26 -21.02
C ASN A 218 16.83 -17.49 -21.23
N ARG A 219 17.23 -17.99 -22.41
CA ARG A 219 18.64 -18.24 -22.73
C ARG A 219 19.49 -16.96 -22.62
N HIS A 220 18.84 -15.81 -22.74
CA HIS A 220 19.55 -14.55 -22.63
C HIS A 220 19.60 -14.05 -21.18
N SER A 221 19.28 -14.92 -20.17
CA SER A 221 19.47 -14.70 -18.73
C SER A 221 20.78 -15.41 -18.38
N TYR A 222 21.86 -14.67 -18.14
CA TYR A 222 23.14 -15.34 -17.90
C TYR A 222 24.08 -14.50 -17.04
N SER A 223 25.25 -15.10 -16.70
CA SER A 223 26.32 -14.55 -15.87
C SER A 223 25.77 -14.24 -14.47
N ALA A 224 25.83 -12.99 -13.93
CA ALA A 224 25.30 -12.71 -12.58
C ALA A 224 23.81 -13.11 -12.45
N THR A 225 23.04 -13.03 -13.55
CA THR A 225 21.63 -13.42 -13.59
C THR A 225 21.49 -14.92 -13.35
N ASN A 226 22.45 -15.72 -13.85
CA ASN A 226 22.45 -17.17 -13.64
C ASN A 226 22.64 -17.46 -12.17
N ASP A 227 23.53 -16.72 -11.48
CA ASP A 227 23.79 -16.89 -10.04
C ASP A 227 22.58 -16.45 -9.22
N PHE A 228 21.90 -15.37 -9.64
CA PHE A 228 20.68 -14.85 -9.02
C PHE A 228 19.56 -15.93 -9.10
N VAL A 229 19.35 -16.50 -10.31
CA VAL A 229 18.36 -17.53 -10.56
C VAL A 229 18.67 -18.75 -9.66
N ASN A 230 19.95 -19.13 -9.57
CA ASN A 230 20.41 -20.24 -8.76
C ASN A 230 19.97 -20.08 -7.28
N VAL A 231 20.06 -18.87 -6.72
CA VAL A 231 19.68 -18.61 -5.34
C VAL A 231 18.16 -18.62 -5.21
N ARG A 233 15.76 -20.14 -6.97
CA ARG A 233 15.12 -21.45 -7.07
C ARG A 233 15.29 -22.31 -5.82
N LEU A 234 16.09 -21.86 -4.83
CA LEU A 234 16.24 -22.60 -3.56
C LEU A 234 15.15 -22.24 -2.59
N LEU A 235 14.38 -21.18 -2.89
CA LEU A 235 13.39 -20.63 -1.97
C LEU A 235 12.00 -21.24 -2.17
N PRO A 236 11.34 -21.59 -1.03
CA PRO A 236 10.05 -22.30 -1.11
C PRO A 236 8.92 -21.55 -1.84
N GLN A 237 8.90 -20.20 -1.79
CA GLN A 237 7.84 -19.43 -2.44
C GLN A 237 8.14 -19.16 -3.91
N VAL A 238 9.32 -19.57 -4.40
CA VAL A 238 9.72 -19.24 -5.77
C VAL A 238 9.53 -20.39 -6.77
N THR A 239 8.94 -20.06 -7.93
CA THR A 239 8.85 -20.92 -9.11
C THR A 239 9.61 -20.19 -10.23
N VAL A 240 10.51 -20.90 -10.92
CA VAL A 240 11.24 -20.37 -12.07
C VAL A 240 10.51 -20.88 -13.31
N GLY A 242 9.96 -20.35 -17.81
CA GLY A 242 10.44 -19.88 -19.09
C GLY A 242 11.35 -20.90 -19.74
N ASP A 243 12.59 -20.49 -19.99
CA ASP A 243 13.55 -21.37 -20.64
C ASP A 243 14.85 -21.46 -19.84
N ARG A 244 15.68 -22.45 -20.20
CA ARG A 244 16.97 -22.68 -19.56
CA ARG A 244 16.99 -22.69 -19.60
C ARG A 244 17.80 -21.37 -19.64
N THR A 245 18.45 -20.99 -18.52
CA THR A 245 19.27 -19.79 -18.52
C THR A 245 20.47 -20.01 -19.49
N GLY A 246 21.18 -18.92 -19.81
CA GLY A 246 22.36 -18.96 -20.67
C GLY A 246 23.63 -19.38 -19.95
N GLY A 247 23.51 -19.69 -18.67
CA GLY A 247 24.63 -20.13 -17.83
C GLY A 247 25.65 -19.06 -17.49
N GLY A 248 26.90 -19.48 -17.37
CA GLY A 248 27.96 -18.57 -17.00
C GLY A 248 27.98 -18.35 -15.49
N SER A 249 28.93 -17.54 -15.00
CA SER A 249 29.08 -17.34 -13.57
C SER A 249 29.20 -15.89 -13.12
N GLY A 250 29.44 -14.95 -14.03
CA GLY A 250 29.66 -13.57 -13.63
C GLY A 250 31.05 -13.32 -13.07
N LEU A 251 31.91 -14.34 -13.15
CA LEU A 251 33.31 -14.29 -12.69
C LEU A 251 34.21 -14.66 -13.88
N PRO A 252 34.58 -13.68 -14.74
CA PRO A 252 35.40 -14.04 -15.92
C PRO A 252 36.91 -14.10 -15.68
N PHE A 253 37.57 -14.91 -16.51
CA PHE A 253 39.01 -15.02 -16.68
C PHE A 253 39.33 -14.30 -17.95
N SER A 254 40.42 -13.57 -17.95
CA SER A 254 40.91 -12.88 -19.13
C SER A 254 42.42 -12.86 -19.10
N SER A 255 43.05 -13.12 -20.27
CA SER A 255 44.49 -13.11 -20.45
C SER A 255 44.82 -12.56 -21.82
N GLU A 256 45.95 -11.87 -21.93
CA GLU A 256 46.42 -11.33 -23.20
C GLU A 256 47.33 -12.33 -23.92
N LEU A 257 47.31 -12.30 -25.24
CA LEU A 257 48.20 -13.10 -26.07
C LEU A 257 49.47 -12.29 -26.38
N PRO A 258 50.59 -12.91 -26.86
CA PRO A 258 51.77 -12.11 -27.23
C PRO A 258 51.46 -10.98 -28.23
N ASN A 259 50.46 -11.14 -29.12
CA ASN A 259 50.09 -10.13 -30.14
C ASN A 259 49.11 -9.04 -29.61
N GLY A 260 48.77 -9.09 -28.33
CA GLY A 260 47.91 -8.09 -27.73
C GLY A 260 46.43 -8.43 -27.74
N TRP A 261 46.04 -9.51 -28.42
CA TRP A 261 44.65 -9.95 -28.39
C TRP A 261 44.36 -10.52 -27.02
N SER A 262 43.09 -10.66 -26.67
CA SER A 262 42.82 -11.25 -25.39
C SER A 262 41.81 -12.39 -25.54
N VAL A 263 41.89 -13.38 -24.65
CA VAL A 263 40.97 -14.52 -24.58
C VAL A 263 40.24 -14.41 -23.23
N ARG A 264 38.93 -14.63 -23.25
CA ARG A 264 38.11 -14.61 -22.03
C ARG A 264 37.21 -15.84 -22.00
N PHE A 265 36.87 -16.27 -20.78
CA PHE A 265 35.98 -17.39 -20.44
C PHE A 265 35.67 -17.34 -18.93
N SER A 266 34.80 -18.24 -18.44
CA SER A 266 34.47 -18.29 -17.00
C SER A 266 35.69 -18.73 -16.21
N ALA A 267 36.03 -17.97 -15.16
CA ALA A 267 37.22 -18.23 -14.35
C ALA A 267 37.02 -19.33 -13.33
N CYS A 268 35.80 -19.45 -12.79
CA CYS A 268 35.57 -20.41 -11.70
CA CYS A 268 35.58 -20.42 -11.73
C CYS A 268 34.28 -21.21 -11.90
N PRO A 269 34.29 -22.55 -11.68
CA PRO A 269 33.01 -23.28 -11.68
C PRO A 269 32.16 -22.88 -10.46
N VAL A 270 30.87 -22.58 -10.70
CA VAL A 270 29.89 -22.28 -9.66
C VAL A 270 29.01 -23.53 -9.55
N LEU A 271 28.85 -24.05 -8.33
CA LEU A 271 28.05 -25.24 -8.09
C LEU A 271 26.81 -24.91 -7.30
N ASP A 272 25.73 -25.68 -7.54
CA ASP A 272 24.52 -25.51 -6.76
C ASP A 272 24.68 -26.23 -5.38
N VAL A 273 23.61 -26.27 -4.54
CA VAL A 273 23.66 -26.89 -3.21
C VAL A 273 23.88 -28.44 -3.31
N ASN A 274 23.68 -29.04 -4.48
CA ASN A 274 23.90 -30.48 -4.70
C ASN A 274 25.26 -30.71 -5.36
N LYS A 275 26.11 -29.64 -5.41
CA LYS A 275 27.46 -29.61 -5.95
C LYS A 275 27.45 -29.91 -7.48
N GLN A 276 26.36 -29.54 -8.17
CA GLN A 276 26.23 -29.67 -9.62
C GLN A 276 26.53 -28.35 -10.31
N HIS A 277 27.22 -28.41 -11.46
CA HIS A 277 27.63 -27.26 -12.25
C HIS A 277 26.43 -26.51 -12.83
N THR A 278 26.42 -25.17 -12.69
CA THR A 278 25.37 -24.27 -13.21
C THR A 278 25.86 -23.50 -14.46
N GLU A 279 27.14 -23.71 -14.84
CA GLU A 279 27.80 -23.05 -15.96
C GLU A 279 27.05 -23.17 -17.28
N PHE A 280 26.46 -24.34 -17.52
CA PHE A 280 25.82 -24.68 -18.77
C PHE A 280 24.37 -24.24 -18.82
N GLY A 281 23.94 -23.59 -17.74
CA GLY A 281 22.59 -23.08 -17.59
C GLY A 281 21.80 -23.88 -16.54
N ILE A 282 20.71 -23.26 -16.05
CA ILE A 282 19.75 -23.81 -15.08
C ILE A 282 18.39 -23.92 -15.76
N ASP A 283 17.80 -25.11 -15.69
CA ASP A 283 16.48 -25.39 -16.24
C ASP A 283 15.40 -24.77 -15.38
N PRO A 284 14.34 -24.17 -15.98
CA PRO A 284 13.25 -23.64 -15.15
C PRO A 284 12.47 -24.76 -14.45
N ASP A 285 11.63 -24.43 -13.46
CA ASP A 285 10.76 -25.41 -12.81
C ASP A 285 9.66 -25.81 -13.80
N THR A 286 9.16 -24.81 -14.57
CA THR A 286 8.13 -25.00 -15.56
C THR A 286 8.61 -24.40 -16.87
N ALA A 287 8.82 -25.26 -17.88
CA ALA A 287 9.24 -24.80 -19.20
C ALA A 287 8.03 -24.19 -19.94
N VAL A 288 8.15 -22.91 -20.35
CA VAL A 288 7.12 -22.17 -21.08
C VAL A 288 7.85 -21.40 -22.19
N ALA A 289 7.34 -21.49 -23.43
CA ALA A 289 7.89 -20.80 -24.59
C ALA A 289 6.84 -19.86 -25.16
N ILE A 290 7.26 -18.66 -25.62
CA ILE A 290 6.33 -17.74 -26.30
C ILE A 290 5.90 -18.40 -27.64
N THR A 291 4.59 -18.51 -27.85
CA THR A 291 4.06 -19.16 -29.04
C THR A 291 3.82 -18.15 -30.15
N GLY A 292 3.86 -18.64 -31.37
CA GLY A 292 3.60 -17.86 -32.58
C GLY A 292 2.22 -17.23 -32.60
N GLU A 293 1.19 -17.94 -32.08
CA GLU A 293 -0.16 -17.42 -32.03
C GLU A 293 -0.34 -16.40 -30.89
N ASP A 294 0.44 -16.48 -29.81
CA ASP A 294 0.33 -15.48 -28.76
C ASP A 294 0.91 -14.13 -29.21
N ILE A 295 1.99 -14.15 -30.04
CA ILE A 295 2.64 -12.97 -30.60
C ILE A 295 1.61 -12.23 -31.45
N LYS A 297 -1.52 -12.30 -31.07
CA LYS A 297 -2.57 -11.77 -30.19
C LYS A 297 -2.00 -10.67 -29.27
N GLY A 298 -0.71 -10.34 -29.46
CA GLY A 298 0.07 -9.38 -28.65
C GLY A 298 0.28 -9.85 -27.23
N ARG A 299 0.28 -11.19 -27.03
CA ARG A 299 0.41 -11.82 -25.71
C ARG A 299 1.76 -12.46 -25.49
N ASP A 300 2.22 -12.45 -24.23
CA ASP A 300 3.45 -13.11 -23.83
C ASP A 300 3.03 -14.38 -23.11
N THR A 301 3.22 -15.54 -23.74
CA THR A 301 2.84 -16.85 -23.20
C THR A 301 3.40 -17.08 -21.78
N ILE A 302 4.66 -16.63 -21.53
CA ILE A 302 5.35 -16.80 -20.26
C ILE A 302 4.70 -15.91 -19.19
N ILE A 303 4.46 -14.60 -19.49
CA ILE A 303 3.81 -13.74 -18.49
C ILE A 303 2.39 -14.29 -18.19
N GLU A 304 1.65 -14.73 -19.23
CA GLU A 304 0.29 -15.27 -19.07
C GLU A 304 0.25 -16.54 -18.20
N ALA A 305 1.20 -17.48 -18.43
CA ALA A 305 1.29 -18.71 -17.64
C ALA A 305 1.62 -18.39 -16.17
N ALA A 306 2.51 -17.39 -15.95
CA ALA A 306 2.91 -16.95 -14.61
C ALA A 306 1.69 -16.31 -13.90
N ILE A 307 0.89 -15.47 -14.63
CA ILE A 307 -0.33 -14.84 -14.10
C ILE A 307 -1.32 -15.95 -13.71
N GLY A 308 -1.53 -16.93 -14.62
CA GLY A 308 -2.41 -18.06 -14.38
C GLY A 308 -2.06 -18.86 -13.13
N LEU A 309 -0.79 -19.19 -12.98
CA LEU A 309 -0.27 -19.94 -11.85
C LEU A 309 -0.47 -19.19 -10.52
N LEU A 310 -0.12 -17.89 -10.47
CA LEU A 310 -0.28 -17.07 -9.26
C LEU A 310 -1.75 -16.84 -8.86
N LEU A 311 -2.66 -16.81 -9.85
CA LEU A 311 -4.09 -16.61 -9.61
C LEU A 311 -4.79 -17.92 -9.27
N ALA A 312 -4.15 -19.07 -9.56
CA ALA A 312 -4.71 -20.39 -9.27
C ALA A 312 -4.96 -20.48 -7.77
N LYS A 313 -6.27 -20.46 -7.41
CA LYS A 313 -6.73 -20.40 -6.03
C LYS A 313 -6.58 -21.72 -5.27
N GLY A 314 -6.03 -21.61 -4.06
CA GLY A 314 -5.83 -22.70 -3.11
C GLY A 314 -6.84 -22.60 -1.98
N ASP A 315 -6.39 -22.81 -0.73
CA ASP A 315 -7.27 -22.71 0.45
C ASP A 315 -7.48 -21.24 0.80
N SER A 316 -8.60 -20.90 1.44
CA SER A 316 -8.85 -19.50 1.81
C SER A 316 -8.23 -19.20 3.19
N ALA A 317 -7.18 -19.94 3.56
CA ALA A 317 -6.59 -19.83 4.88
C ALA A 317 -5.27 -19.05 4.92
N ILE A 318 -5.15 -18.14 5.89
CA ILE A 318 -3.92 -17.41 6.14
C ILE A 318 -3.19 -18.32 7.16
N SER A 319 -2.06 -18.89 6.75
CA SER A 319 -1.30 -19.85 7.56
C SER A 319 0.21 -19.75 7.31
N TYR A 320 0.98 -20.69 7.90
CA TYR A 320 2.43 -20.80 7.78
C TYR A 320 2.82 -22.17 7.22
N ASN B 5 12.86 16.64 5.42
CA ASN B 5 12.13 16.37 4.18
C ASN B 5 11.02 17.44 3.87
N SER B 6 10.63 18.25 4.87
CA SER B 6 9.61 19.30 4.80
C SER B 6 8.21 18.79 4.26
N SER B 7 7.33 19.75 3.92
CA SER B 7 5.96 19.57 3.48
C SER B 7 5.77 19.46 1.94
N PRO B 8 4.55 19.09 1.47
CA PRO B 8 4.30 19.10 0.01
C PRO B 8 4.47 20.48 -0.62
N ARG B 9 4.03 21.56 0.08
CA ARG B 9 4.14 22.92 -0.41
C ARG B 9 5.61 23.40 -0.44
N ASP B 10 6.46 22.94 0.49
CA ASP B 10 7.88 23.26 0.51
C ASP B 10 8.61 22.66 -0.67
N ASN B 11 8.24 21.43 -1.06
CA ASN B 11 8.81 20.73 -2.21
C ASN B 11 8.30 21.35 -3.50
N PHE B 12 7.03 21.78 -3.53
CA PHE B 12 6.48 22.51 -4.68
C PHE B 12 7.30 23.80 -4.92
N GLU B 13 7.45 24.63 -3.85
CA GLU B 13 8.18 25.90 -3.88
C GLU B 13 9.62 25.68 -4.35
N ALA B 14 10.34 24.71 -3.75
CA ALA B 14 11.73 24.39 -4.08
C ALA B 14 11.88 23.95 -5.54
N LEU B 15 11.01 23.03 -6.03
CA LEU B 15 11.05 22.53 -7.40
C LEU B 15 10.77 23.66 -8.40
N TRP B 16 9.75 24.51 -8.12
CA TRP B 16 9.42 25.63 -9.02
C TRP B 16 10.64 26.58 -9.15
N ARG B 17 11.29 26.90 -7.99
CA ARG B 17 12.43 27.80 -7.90
CA ARG B 17 12.46 27.79 -7.86
C ARG B 17 13.66 27.23 -8.61
N ILE B 18 13.92 25.90 -8.45
CA ILE B 18 15.05 25.24 -9.09
C ILE B 18 14.90 25.35 -10.63
N ASP B 20 12.89 27.65 -12.21
CA ASP B 20 12.90 29.07 -12.50
C ASP B 20 14.29 29.67 -12.66
N GLU B 21 15.25 29.23 -11.82
CA GLU B 21 16.60 29.76 -11.79
C GLU B 21 17.61 28.99 -12.63
N ASN B 22 17.36 27.70 -12.95
CA ASN B 22 18.36 26.89 -13.67
C ASN B 22 17.91 26.35 -15.03
N TYR B 23 16.59 26.25 -15.30
CA TYR B 23 16.10 25.75 -16.59
C TYR B 23 16.49 26.75 -17.68
N CYS B 24 17.17 26.26 -18.74
CA CYS B 24 17.79 27.07 -19.80
C CYS B 24 16.89 27.37 -21.00
N PHE B 25 15.72 26.72 -21.15
CA PHE B 25 15.01 26.86 -22.42
C PHE B 25 13.59 27.43 -22.34
N PHE B 26 13.31 28.29 -21.34
CA PHE B 26 11.99 28.92 -21.20
C PHE B 26 11.56 29.75 -22.42
N ALA B 27 12.52 30.39 -23.11
CA ALA B 27 12.27 31.22 -24.30
C ALA B 27 11.69 30.43 -25.47
N PHE B 28 11.84 29.08 -25.46
CA PHE B 28 11.38 28.18 -26.53
C PHE B 28 10.15 27.38 -26.14
N LYS B 29 9.47 27.78 -25.07
CA LYS B 29 8.28 27.07 -24.58
C LYS B 29 7.02 27.95 -24.64
N ASP B 30 5.87 27.36 -25.00
CA ASP B 30 4.58 28.07 -25.08
C ASP B 30 4.06 28.49 -23.71
N VAL B 31 4.52 27.88 -22.60
CA VAL B 31 4.03 28.26 -21.28
C VAL B 31 4.91 29.33 -20.67
N ASP B 32 4.33 30.06 -19.71
CA ASP B 32 4.97 31.08 -18.89
C ASP B 32 5.09 30.43 -17.51
N TRP B 33 6.31 30.38 -16.99
CA TRP B 33 6.63 29.73 -15.71
C TRP B 33 5.98 30.42 -14.52
N ASP B 34 5.65 31.71 -14.63
CA ASP B 34 4.92 32.44 -13.57
C ASP B 34 3.47 31.99 -13.51
N ASP B 35 2.83 31.76 -14.69
CA ASP B 35 1.46 31.28 -14.81
C ASP B 35 1.38 29.88 -14.24
N VAL B 36 2.43 29.06 -14.49
CA VAL B 36 2.56 27.69 -13.97
C VAL B 36 2.58 27.75 -12.45
N TYR B 37 3.33 28.72 -11.87
CA TYR B 37 3.36 28.90 -10.42
C TYR B 37 1.95 29.16 -9.89
N ASP B 38 1.23 30.15 -10.46
CA ASP B 38 -0.11 30.56 -10.01
C ASP B 38 -1.10 29.42 -10.03
N ARG B 39 -1.06 28.58 -11.10
CA ARG B 39 -1.95 27.44 -11.25
C ARG B 39 -1.65 26.33 -10.25
N TYR B 40 -0.38 25.88 -10.18
CA TYR B 40 0.03 24.79 -9.30
C TYR B 40 0.02 25.18 -7.82
N ASN B 41 0.10 26.48 -7.53
CA ASN B 41 0.03 27.02 -6.17
C ASN B 41 -1.32 26.65 -5.55
N LEU B 42 -2.40 26.67 -6.37
CA LEU B 42 -3.78 26.34 -5.99
C LEU B 42 -4.00 24.84 -5.93
N LEU B 43 -3.15 24.04 -6.59
CA LEU B 43 -3.29 22.58 -6.63
C LEU B 43 -2.52 21.83 -5.53
N VAL B 44 -1.32 22.32 -5.17
CA VAL B 44 -0.51 21.64 -4.16
C VAL B 44 -1.04 21.97 -2.75
N LYS B 45 -1.42 20.92 -1.99
CA LYS B 45 -1.92 21.05 -0.62
C LYS B 45 -1.08 20.22 0.32
N ASP B 46 -0.92 20.69 1.58
CA ASP B 46 -0.15 19.95 2.59
C ASP B 46 -0.86 18.63 3.04
N THR B 47 -2.11 18.40 2.63
CA THR B 47 -2.85 17.16 2.92
C THR B 47 -2.49 16.03 1.92
N ASN B 49 -0.35 13.13 0.02
CA ASN B 49 0.66 12.16 0.39
C ASN B 49 1.83 12.29 -0.65
N GLN B 50 2.93 11.54 -0.48
CA GLN B 50 4.12 11.61 -1.37
C GLN B 50 3.83 11.22 -2.82
N TYR B 51 2.84 10.35 -3.05
CA TYR B 51 2.50 9.88 -4.40
C TYR B 51 1.69 10.92 -5.17
N GLU B 52 0.75 11.58 -4.48
CA GLU B 52 -0.07 12.65 -5.05
C GLU B 52 0.81 13.85 -5.39
N LEU B 53 1.75 14.19 -4.49
CA LEU B 53 2.70 15.27 -4.69
C LEU B 53 3.58 14.96 -5.91
N PHE B 54 4.07 13.71 -6.00
CA PHE B 54 4.93 13.28 -7.11
C PHE B 54 4.19 13.42 -8.45
N ASP B 55 2.90 13.01 -8.51
CA ASP B 55 2.12 13.13 -9.74
C ASP B 55 1.91 14.59 -10.18
N ILE B 56 1.57 15.48 -9.25
CA ILE B 56 1.32 16.89 -9.53
C ILE B 56 2.62 17.61 -9.92
N LEU B 57 3.73 17.34 -9.21
CA LEU B 57 5.01 17.98 -9.55
C LEU B 57 5.56 17.47 -10.89
N GLY B 58 5.25 16.21 -11.22
CA GLY B 58 5.64 15.62 -12.49
C GLY B 58 4.88 16.28 -13.63
N LYS B 59 3.57 16.59 -13.40
CA LYS B 59 2.71 17.27 -14.36
C LYS B 59 3.21 18.70 -14.57
N LEU B 61 6.38 19.71 -14.26
CA LEU B 61 7.58 19.66 -15.10
C LEU B 61 7.19 19.39 -16.55
N ALA B 62 6.17 18.57 -16.78
CA ALA B 62 5.70 18.25 -18.16
C ALA B 62 5.11 19.48 -18.87
N GLU B 63 4.89 20.60 -18.14
CA GLU B 63 4.42 21.86 -18.74
C GLU B 63 5.44 22.41 -19.76
N VAL B 64 6.75 22.13 -19.57
CA VAL B 64 7.79 22.59 -20.51
C VAL B 64 7.98 21.58 -21.66
N LYS B 65 7.23 20.45 -21.67
CA LYS B 65 7.25 19.44 -22.75
C LYS B 65 8.69 19.10 -23.19
N ASP B 66 9.51 18.65 -22.23
CA ASP B 66 10.93 18.36 -22.44
C ASP B 66 11.24 16.90 -22.12
N GLY B 67 11.70 16.16 -23.12
CA GLY B 67 12.05 14.75 -22.96
C GLY B 67 13.29 14.53 -22.12
N HIS B 68 14.01 15.62 -21.79
CA HIS B 68 15.22 15.59 -21.00
C HIS B 68 15.01 16.12 -19.60
N THR B 69 13.75 16.39 -19.20
CA THR B 69 13.43 16.86 -17.85
C THR B 69 12.77 15.68 -17.09
N ASN B 70 13.26 15.36 -15.89
CA ASN B 70 12.70 14.28 -15.06
C ASN B 70 12.69 14.62 -13.56
N LEU B 71 11.66 14.13 -12.85
CA LEU B 71 11.57 14.20 -11.39
C LEU B 71 11.80 12.79 -10.93
N ILE B 72 12.78 12.58 -10.03
CA ILE B 72 13.17 11.24 -9.60
C ILE B 72 13.01 11.08 -8.11
N SER B 73 12.21 10.07 -7.75
CA SER B 73 12.01 9.63 -6.36
C SER B 73 12.50 8.19 -6.28
N SER B 74 12.34 7.56 -5.13
CA SER B 74 12.77 6.18 -4.96
C SER B 74 11.72 5.19 -5.53
N PHE B 75 10.49 5.68 -5.80
CA PHE B 75 9.38 4.85 -6.30
C PHE B 75 9.08 5.07 -7.78
N ASP B 76 9.43 6.24 -8.34
CA ASP B 76 9.16 6.51 -9.77
C ASP B 76 10.02 7.62 -10.32
N SER B 78 9.29 10.71 -13.21
CA SER B 78 8.35 11.40 -14.10
C SER B 78 9.07 11.65 -15.41
N ARG B 79 8.30 11.70 -16.49
CA ARG B 79 8.86 11.90 -17.82
C ARG B 79 7.83 12.47 -18.80
N TYR B 80 8.36 13.11 -19.86
CA TYR B 80 7.60 13.63 -20.97
C TYR B 80 8.15 12.91 -22.17
N TRP B 81 7.78 11.64 -22.27
CA TRP B 81 8.37 10.85 -23.32
C TRP B 81 7.58 10.93 -24.62
N ALA B 82 6.51 11.76 -24.69
CA ALA B 82 5.83 12.08 -25.97
C ALA B 82 6.88 12.71 -26.94
N TRP B 83 7.87 13.43 -26.37
CA TRP B 83 9.03 14.03 -27.02
C TRP B 83 9.68 13.02 -27.97
N TYR B 84 9.84 11.76 -27.50
CA TYR B 84 10.43 10.68 -28.28
C TYR B 84 9.38 9.86 -29.03
N GLU B 85 8.25 9.55 -28.37
CA GLU B 85 7.14 8.70 -28.82
CA GLU B 85 7.29 8.64 -28.98
C GLU B 85 6.27 9.34 -29.91
N ASP B 86 6.33 10.67 -30.07
CA ASP B 86 5.53 11.33 -31.10
C ASP B 86 6.16 11.10 -32.51
N TYR B 87 7.36 10.53 -32.53
CA TYR B 87 8.13 10.24 -33.74
C TYR B 87 8.13 8.74 -33.98
N PRO B 88 8.22 8.28 -35.24
CA PRO B 88 8.27 6.82 -35.46
C PRO B 88 9.59 6.25 -34.94
N ALA B 89 9.61 4.94 -34.58
CA ALA B 89 10.83 4.27 -34.11
C ALA B 89 11.96 4.47 -35.13
N ASN B 90 11.69 4.23 -36.44
CA ASN B 90 12.65 4.35 -37.56
C ASN B 90 13.94 3.53 -37.37
N PHE B 91 13.84 2.42 -36.61
CA PHE B 91 14.89 1.45 -36.34
C PHE B 91 14.25 0.21 -35.74
N TYR B 92 14.64 -0.98 -36.21
CA TYR B 92 14.16 -2.28 -35.70
C TYR B 92 15.34 -3.20 -35.79
N LYS B 93 15.78 -3.72 -34.64
CA LYS B 93 16.91 -4.64 -34.51
C LYS B 93 16.72 -5.86 -35.44
N GLU B 94 15.48 -6.41 -35.49
CA GLU B 94 15.13 -7.59 -36.26
C GLU B 94 15.35 -7.35 -37.76
N ILE B 95 15.06 -6.12 -38.23
CA ILE B 95 15.28 -5.74 -39.64
C ILE B 95 16.79 -5.52 -39.85
N GLN B 96 17.47 -4.87 -38.89
CA GLN B 96 18.90 -4.65 -38.94
C GLN B 96 19.67 -6.00 -39.03
N ASP B 97 19.16 -7.06 -38.37
CA ASP B 97 19.72 -8.44 -38.40
C ASP B 97 19.82 -8.97 -39.83
N ASN B 98 18.93 -8.52 -40.75
CA ASN B 98 18.97 -8.94 -42.16
C ASN B 98 20.17 -8.36 -42.89
N TYR B 99 20.75 -7.26 -42.38
CA TYR B 99 21.92 -6.59 -42.95
C TYR B 99 23.18 -7.04 -42.23
N LEU B 100 23.16 -7.04 -40.88
CA LEU B 100 24.36 -7.44 -40.12
C LEU B 100 24.56 -8.97 -40.14
N GLY B 101 23.46 -9.74 -40.13
CA GLY B 101 23.53 -11.19 -40.08
C GLY B 101 24.24 -11.68 -38.82
N THR B 102 25.05 -12.74 -38.95
CA THR B 102 25.84 -13.29 -37.84
C THR B 102 27.34 -13.16 -38.10
N ASP B 103 27.71 -12.80 -39.35
CA ASP B 103 29.11 -12.73 -39.81
C ASP B 103 29.66 -11.28 -39.82
N TYR B 104 29.01 -10.36 -39.08
CA TYR B 104 29.49 -8.99 -38.93
C TYR B 104 30.71 -8.96 -37.98
N LYS B 105 31.48 -7.89 -37.99
CA LYS B 105 32.64 -7.80 -37.10
C LYS B 105 32.36 -6.93 -35.90
N ILE B 106 33.08 -7.18 -34.82
CA ILE B 106 32.97 -6.41 -33.60
C ILE B 106 34.31 -5.72 -33.27
N ALA B 107 34.32 -4.38 -33.22
CA ALA B 107 35.50 -3.59 -32.86
C ALA B 107 35.08 -2.58 -31.77
N GLY B 108 35.28 -2.98 -30.52
CA GLY B 108 34.86 -2.20 -29.36
C GLY B 108 33.35 -2.15 -29.35
N GLY B 109 32.80 -0.95 -29.26
CA GLY B 109 31.36 -0.72 -29.27
C GLY B 109 30.73 -0.70 -30.66
N LYS B 111 29.69 -2.50 -34.41
CA LYS B 111 29.36 -3.65 -35.24
C LYS B 111 29.60 -3.17 -36.64
N TYR B 112 30.35 -3.91 -37.46
CA TYR B 112 30.57 -3.39 -38.82
C TYR B 112 30.61 -4.50 -39.86
N LYS B 113 30.15 -4.16 -41.07
CA LYS B 113 30.06 -5.10 -42.16
C LYS B 113 30.02 -4.37 -43.49
N ARG B 114 30.60 -4.97 -44.52
CA ARG B 114 30.49 -4.43 -45.87
C ARG B 114 29.13 -4.87 -46.48
N LEU B 115 28.43 -3.94 -47.09
CA LEU B 115 27.17 -4.22 -47.77
C LEU B 115 27.29 -3.91 -49.28
N ALA B 116 26.23 -4.26 -50.06
CA ALA B 116 26.09 -4.02 -51.49
C ALA B 116 27.32 -4.51 -52.30
N ASP B 117 27.55 -5.82 -52.32
CA ASP B 117 28.65 -6.50 -53.00
C ASP B 117 30.04 -5.84 -52.63
N ASP B 118 30.21 -5.59 -51.31
CA ASP B 118 31.43 -5.04 -50.68
C ASP B 118 31.77 -3.59 -51.09
N GLN B 119 30.76 -2.84 -51.59
CA GLN B 119 30.97 -1.48 -52.06
C GLN B 119 30.73 -0.44 -50.98
N ILE B 120 30.01 -0.83 -49.93
CA ILE B 120 29.60 0.09 -48.90
C ILE B 120 29.95 -0.43 -47.54
N GLY B 121 30.58 0.42 -46.75
CA GLY B 121 30.94 0.09 -45.38
C GLY B 121 29.81 0.47 -44.46
N TYR B 122 29.33 -0.45 -43.64
CA TYR B 122 28.24 -0.15 -42.71
C TYR B 122 28.73 -0.31 -41.29
N VAL B 123 28.54 0.71 -40.46
CA VAL B 123 28.88 0.66 -39.04
C VAL B 123 27.61 0.95 -38.21
N TYR B 124 27.35 0.12 -37.21
CA TYR B 124 26.32 0.41 -36.23
C TYR B 124 27.02 0.71 -34.92
N TYR B 125 26.78 1.92 -34.38
CA TYR B 125 27.32 2.31 -33.09
C TYR B 125 26.13 2.62 -32.14
N GLY B 126 25.75 1.61 -31.35
CA GLY B 126 24.57 1.68 -30.49
C GLY B 126 24.68 2.50 -29.23
N SER B 127 25.90 2.70 -28.71
CA SER B 127 26.05 3.43 -27.45
C SER B 127 27.40 4.11 -27.34
N PHE B 128 27.40 5.41 -26.96
CA PHE B 128 28.65 6.16 -26.72
C PHE B 128 29.23 5.77 -25.31
N SER B 129 28.62 4.80 -24.61
CA SER B 129 29.10 4.25 -23.32
C SER B 129 29.98 3.04 -23.57
N SER B 130 29.85 2.45 -24.76
CA SER B 130 30.69 1.33 -25.21
C SER B 130 31.83 1.94 -26.02
N GLY B 131 33.02 1.89 -25.44
CA GLY B 131 34.24 2.46 -25.99
C GLY B 131 34.70 1.97 -27.35
N VAL B 132 35.33 2.88 -28.09
CA VAL B 132 35.93 2.61 -29.40
C VAL B 132 37.35 3.14 -29.31
N GLY B 133 38.32 2.26 -29.51
CA GLY B 133 39.73 2.61 -29.45
C GLY B 133 40.23 3.10 -30.79
N GLU B 134 41.47 3.62 -30.81
CA GLU B 134 42.13 4.11 -32.02
C GLU B 134 42.38 2.99 -33.03
N ASN B 135 42.75 1.79 -32.52
CA ASN B 135 43.00 0.61 -33.37
C ASN B 135 41.69 0.10 -33.94
N ASN B 136 40.62 0.05 -33.11
CA ASN B 136 39.28 -0.33 -33.56
C ASN B 136 38.88 0.46 -34.82
N LEU B 137 39.04 1.78 -34.76
CA LEU B 137 38.73 2.69 -35.87
C LEU B 137 39.63 2.44 -37.07
N ASP B 138 40.95 2.29 -36.86
CA ASP B 138 41.89 2.02 -37.97
C ASP B 138 41.58 0.71 -38.67
N TYR B 139 41.20 -0.33 -37.91
CA TYR B 139 40.86 -1.65 -38.46
C TYR B 139 39.54 -1.61 -39.24
N PHE B 141 38.24 1.10 -40.76
CA PHE B 141 38.53 1.85 -41.98
C PHE B 141 39.33 1.01 -42.99
N ALA B 142 40.32 0.21 -42.51
CA ALA B 142 41.11 -0.67 -43.40
C ALA B 142 40.23 -1.73 -44.05
N HIS B 143 39.25 -2.26 -43.31
CA HIS B 143 38.30 -3.26 -43.83
C HIS B 143 37.47 -2.66 -44.98
N PHE B 144 37.29 -1.33 -44.98
CA PHE B 144 36.50 -0.56 -45.94
C PHE B 144 37.36 0.24 -46.92
N LYS B 145 38.65 -0.08 -47.06
CA LYS B 145 39.55 0.69 -47.91
C LYS B 145 39.13 0.74 -49.40
N GLU B 146 38.41 -0.31 -49.88
CA GLU B 146 37.93 -0.37 -51.26
C GLU B 146 36.48 0.10 -51.42
N CYS B 147 35.78 0.42 -50.33
CA CYS B 147 34.37 0.83 -50.41
C CYS B 147 34.26 2.24 -50.99
N LYS B 148 33.13 2.50 -51.66
CA LYS B 148 32.79 3.80 -52.26
C LYS B 148 32.31 4.81 -51.21
N GLY B 149 31.65 4.29 -50.18
CA GLY B 149 31.11 5.13 -49.12
C GLY B 149 30.95 4.37 -47.82
N LEU B 150 30.57 5.10 -46.78
CA LEU B 150 30.41 4.57 -45.45
C LEU B 150 29.07 5.02 -44.86
N ILE B 151 28.37 4.09 -44.23
CA ILE B 151 27.14 4.35 -43.51
C ILE B 151 27.50 4.23 -42.05
N PHE B 152 27.38 5.37 -41.30
CA PHE B 152 27.67 5.40 -39.85
C PHE B 152 26.31 5.55 -39.14
N ASP B 153 25.77 4.43 -38.67
CA ASP B 153 24.44 4.38 -38.07
C ASP B 153 24.47 4.58 -36.55
N VAL B 154 23.88 5.70 -36.08
CA VAL B 154 23.77 6.02 -34.64
C VAL B 154 22.29 6.11 -34.20
N ARG B 155 21.40 5.41 -34.93
CA ARG B 155 19.98 5.35 -34.55
C ARG B 155 19.89 4.57 -33.25
N ASP B 156 18.98 4.97 -32.35
CA ASP B 156 18.76 4.32 -31.04
C ASP B 156 20.00 4.43 -30.13
N ASN B 157 20.86 5.42 -30.35
CA ASN B 157 22.03 5.64 -29.52
C ASN B 157 21.72 6.83 -28.59
N GLY B 158 21.39 6.52 -27.34
CA GLY B 158 21.05 7.48 -26.31
C GLY B 158 22.21 8.26 -25.72
N GLY B 159 23.39 8.15 -26.33
CA GLY B 159 24.56 8.87 -25.87
C GLY B 159 25.51 8.05 -25.01
N GLY B 160 26.28 8.75 -24.20
CA GLY B 160 27.30 8.16 -23.33
C GLY B 160 28.48 9.10 -23.16
N SER B 161 29.70 8.59 -23.37
CA SER B 161 30.94 9.36 -23.18
C SER B 161 31.27 10.27 -24.39
N LEU B 163 34.17 11.45 -24.91
CA LEU B 163 35.50 11.02 -25.31
C LEU B 163 35.43 10.27 -26.64
N TYR B 164 34.42 9.41 -26.82
CA TYR B 164 34.30 8.60 -28.03
C TYR B 164 33.71 9.43 -29.14
N SER B 165 32.91 10.44 -28.78
CA SER B 165 32.29 11.35 -29.73
C SER B 165 33.37 12.13 -30.46
N ASP B 166 34.29 12.78 -29.70
CA ASP B 166 35.41 13.53 -30.26
C ASP B 166 36.37 12.63 -31.03
N ARG B 167 36.68 11.41 -30.50
CA ARG B 167 37.59 10.44 -31.11
C ARG B 167 37.08 9.96 -32.50
N ILE B 168 35.79 9.63 -32.60
CA ILE B 168 35.23 9.16 -33.88
C ILE B 168 35.16 10.33 -34.87
N ALA B 169 34.54 11.46 -34.48
CA ALA B 169 34.35 12.64 -35.33
C ALA B 169 35.68 13.19 -35.90
N SER B 170 36.80 13.16 -35.13
CA SER B 170 38.10 13.68 -35.57
C SER B 170 38.69 12.87 -36.76
N ARG B 171 38.13 11.67 -37.03
CA ARG B 171 38.56 10.81 -38.15
C ARG B 171 37.99 11.29 -39.49
N PHE B 172 37.08 12.27 -39.48
CA PHE B 172 36.42 12.73 -40.68
C PHE B 172 36.79 14.19 -41.01
N LEU B 173 37.73 14.75 -40.25
CA LEU B 173 38.17 16.13 -40.43
C LEU B 173 39.38 16.22 -41.35
N GLU B 174 39.46 17.32 -42.13
CA GLU B 174 40.60 17.57 -43.00
CA GLU B 174 40.64 17.52 -42.96
C GLU B 174 41.48 18.65 -42.34
N GLU B 175 40.87 19.48 -41.49
CA GLU B 175 41.52 20.57 -40.78
C GLU B 175 40.78 20.88 -39.49
N ARG B 176 41.42 21.65 -38.59
CA ARG B 176 40.81 22.11 -37.35
C ARG B 176 39.57 22.96 -37.70
N ILE B 177 38.46 22.74 -36.98
CA ILE B 177 37.21 23.43 -37.24
C ILE B 177 36.51 23.84 -35.96
N LEU B 178 35.67 24.87 -36.08
CA LEU B 178 34.74 25.31 -35.05
C LEU B 178 33.60 24.31 -35.12
N THR B 179 33.25 23.66 -34.00
CA THR B 179 32.18 22.65 -33.99
C THR B 179 30.85 23.23 -33.48
N GLY B 180 30.95 24.35 -32.80
CA GLY B 180 29.80 25.04 -32.23
C GLY B 180 30.20 25.81 -31.01
N TYR B 181 29.21 26.11 -30.14
CA TYR B 181 29.40 26.92 -28.95
C TYR B 181 28.69 26.34 -27.75
N THR B 182 29.15 26.75 -26.54
CA THR B 182 28.50 26.40 -25.28
C THR B 182 28.26 27.70 -24.52
N GLN B 183 27.17 27.75 -23.76
CA GLN B 183 26.79 28.85 -22.88
C GLN B 183 26.52 28.27 -21.52
N TYR B 184 26.77 29.04 -20.47
CA TYR B 184 26.50 28.58 -19.11
C TYR B 184 25.59 29.56 -18.42
N LYS B 185 24.62 29.02 -17.64
CA LYS B 185 23.66 29.81 -16.89
C LYS B 185 24.42 30.68 -15.89
N LYS B 186 24.41 32.00 -16.15
CA LYS B 186 25.14 33.03 -15.42
C LYS B 186 24.40 33.50 -14.15
N GLY B 187 23.06 33.46 -14.22
CA GLY B 187 22.18 33.90 -13.14
C GLY B 187 20.79 33.32 -13.24
N ASN B 188 19.94 33.69 -12.27
CA ASN B 188 18.54 33.27 -12.07
C ASN B 188 17.62 33.65 -13.26
N GLY B 189 17.87 34.79 -13.91
CA GLY B 189 17.09 35.22 -15.06
C GLY B 189 17.04 34.17 -16.16
N HIS B 190 15.85 33.95 -16.75
CA HIS B 190 15.58 32.92 -17.76
C HIS B 190 16.55 32.97 -18.98
N ASN B 191 17.07 34.15 -19.31
CA ASN B 191 18.00 34.32 -20.44
C ASN B 191 19.37 34.86 -19.97
N ASP B 192 19.74 34.60 -18.70
CA ASP B 192 21.00 35.09 -18.14
C ASP B 192 22.09 34.06 -18.44
N PHE B 193 22.79 34.27 -19.57
CA PHE B 193 23.84 33.37 -20.02
C PHE B 193 25.13 34.07 -20.32
N THR B 194 26.24 33.32 -20.20
CA THR B 194 27.58 33.73 -20.58
C THR B 194 27.61 33.86 -22.10
N GLN B 195 28.57 34.60 -22.64
CA GLN B 195 28.73 34.70 -24.08
C GLN B 195 29.02 33.31 -24.68
N PRO B 196 28.51 33.00 -25.89
CA PRO B 196 28.81 31.70 -26.51
C PRO B 196 30.32 31.45 -26.57
N ASN B 197 30.76 30.32 -26.00
CA ASN B 197 32.17 29.93 -25.95
C ASN B 197 32.45 28.97 -27.11
N PRO B 198 33.36 29.33 -28.05
CA PRO B 198 33.64 28.43 -29.18
C PRO B 198 34.35 27.14 -28.77
N VAL B 199 33.92 26.04 -29.35
CA VAL B 199 34.48 24.71 -29.14
C VAL B 199 35.07 24.28 -30.50
N TYR B 200 36.32 23.81 -30.47
CA TYR B 200 37.03 23.38 -31.69
C TYR B 200 37.40 21.91 -31.64
N LEU B 201 37.57 21.30 -32.81
CA LEU B 201 38.00 19.92 -32.96
C LEU B 201 39.14 19.86 -34.01
N SER B 202 40.21 19.14 -33.67
CA SER B 202 41.35 19.01 -34.57
C SER B 202 41.30 17.63 -35.25
N PRO B 203 41.82 17.52 -36.49
CA PRO B 203 41.79 16.20 -37.15
C PRO B 203 42.69 15.20 -36.45
N SER B 204 42.39 13.91 -36.61
CA SER B 204 43.18 12.82 -36.05
C SER B 204 44.48 12.64 -36.85
N ASP B 205 45.53 12.09 -36.21
CA ASP B 205 46.81 11.73 -36.86
C ASP B 205 46.73 10.27 -37.39
N ARG B 206 45.65 9.55 -37.03
CA ARG B 206 45.41 8.17 -37.42
C ARG B 206 44.64 8.11 -38.76
N THR B 207 44.11 6.93 -39.16
CA THR B 207 43.39 6.79 -40.43
C THR B 207 42.14 7.69 -40.47
N ARG B 208 42.02 8.49 -41.54
CA ARG B 208 40.91 9.42 -41.73
C ARG B 208 40.04 8.97 -42.92
N TRP B 209 38.74 9.29 -42.88
CA TRP B 209 37.80 8.95 -43.95
C TRP B 209 37.27 10.24 -44.58
N LEU B 210 37.73 10.54 -45.77
CA LEU B 210 37.33 11.77 -46.46
C LEU B 210 36.40 11.46 -47.65
N ARG B 211 36.09 10.17 -47.84
CA ARG B 211 35.18 9.66 -48.86
CA ARG B 211 35.20 9.66 -48.86
C ARG B 211 33.73 9.91 -48.40
N PRO B 212 32.68 9.80 -49.27
CA PRO B 212 31.31 10.06 -48.79
C PRO B 212 30.89 9.25 -47.56
N VAL B 213 30.10 9.90 -46.68
CA VAL B 213 29.58 9.30 -45.43
C VAL B 213 28.08 9.62 -45.30
N ILE B 214 27.28 8.60 -44.96
CA ILE B 214 25.89 8.82 -44.59
C ILE B 214 25.79 8.50 -43.10
N VAL B 215 25.40 9.51 -42.28
CA VAL B 215 25.17 9.33 -40.85
C VAL B 215 23.65 9.08 -40.69
N LEU B 216 23.27 7.96 -40.04
CA LEU B 216 21.86 7.65 -39.85
C LEU B 216 21.38 8.05 -38.45
N THR B 217 20.26 8.79 -38.38
CA THR B 217 19.73 9.27 -37.11
C THR B 217 18.22 8.99 -36.97
N ASN B 218 17.74 8.94 -35.72
CA ASN B 218 16.31 8.84 -35.42
C ASN B 218 16.07 9.60 -34.14
N ARG B 219 14.80 9.67 -33.70
CA ARG B 219 14.48 10.44 -32.51
C ARG B 219 15.14 9.82 -31.26
N HIS B 220 15.55 8.55 -31.32
CA HIS B 220 16.26 7.90 -30.24
C HIS B 220 17.79 8.10 -30.33
N SER B 221 18.26 9.06 -31.16
CA SER B 221 19.67 9.52 -31.24
C SER B 221 19.71 10.79 -30.42
N TYR B 222 20.29 10.75 -29.21
CA TYR B 222 20.25 11.94 -28.38
C TYR B 222 21.42 12.04 -27.41
N SER B 223 21.49 13.18 -26.68
CA SER B 223 22.52 13.54 -25.70
C SER B 223 23.90 13.60 -26.40
N ALA B 224 24.93 12.83 -25.97
CA ALA B 224 26.24 12.87 -26.64
C ALA B 224 26.13 12.60 -28.18
N THR B 225 25.16 11.77 -28.58
CA THR B 225 24.92 11.42 -29.99
C THR B 225 24.47 12.67 -30.76
N ASN B 226 23.68 13.52 -30.10
CA ASN B 226 23.22 14.78 -30.70
C ASN B 226 24.41 15.68 -31.00
N ASP B 227 25.39 15.76 -30.07
CA ASP B 227 26.61 16.55 -30.23
C ASP B 227 27.51 15.95 -31.34
N PHE B 228 27.56 14.62 -31.44
CA PHE B 228 28.32 13.91 -32.47
C PHE B 228 27.74 14.23 -33.87
N VAL B 229 26.40 14.14 -34.00
CA VAL B 229 25.67 14.43 -35.24
C VAL B 229 25.93 15.87 -35.63
N ASN B 230 25.91 16.80 -34.65
CA ASN B 230 26.14 18.22 -34.85
C ASN B 230 27.48 18.48 -35.52
N VAL B 231 28.54 17.76 -35.10
CA VAL B 231 29.88 17.94 -35.67
C VAL B 231 29.91 17.31 -37.08
N ARG B 233 27.58 16.78 -39.38
CA ARG B 233 26.85 17.51 -40.42
C ARG B 233 27.57 18.79 -40.90
N LEU B 234 28.70 19.16 -40.25
CA LEU B 234 29.50 20.31 -40.68
C LEU B 234 30.47 19.94 -41.78
N LEU B 235 30.66 18.63 -42.00
CA LEU B 235 31.68 18.10 -42.88
C LEU B 235 31.17 17.91 -44.31
N PRO B 236 32.00 18.33 -45.31
CA PRO B 236 31.55 18.31 -46.71
C PRO B 236 31.21 16.93 -47.28
N GLN B 237 31.87 15.85 -46.81
CA GLN B 237 31.60 14.49 -47.33
C GLN B 237 30.43 13.84 -46.61
N VAL B 238 29.85 14.49 -45.58
CA VAL B 238 28.79 13.87 -44.77
C VAL B 238 27.39 14.33 -45.14
N THR B 239 26.47 13.36 -45.23
CA THR B 239 25.03 13.57 -45.36
C THR B 239 24.39 12.89 -44.15
N VAL B 240 23.49 13.59 -43.46
CA VAL B 240 22.75 13.03 -42.32
C VAL B 240 21.38 12.63 -42.86
N GLY B 242 17.60 10.19 -42.16
CA GLY B 242 16.69 9.53 -41.23
C GLY B 242 15.69 10.49 -40.66
N ASP B 243 15.68 10.62 -39.35
CA ASP B 243 14.75 11.50 -38.67
C ASP B 243 15.47 12.47 -37.74
N ARG B 244 14.75 13.51 -37.29
CA ARG B 244 15.24 14.51 -36.35
C ARG B 244 15.80 13.78 -35.11
N THR B 245 16.98 14.24 -34.62
CA THR B 245 17.56 13.63 -33.41
C THR B 245 16.65 13.99 -32.22
N GLY B 246 16.83 13.25 -31.13
CA GLY B 246 16.12 13.47 -29.86
C GLY B 246 16.63 14.64 -29.05
N GLY B 247 17.65 15.32 -29.56
CA GLY B 247 18.22 16.50 -28.91
C GLY B 247 19.03 16.22 -27.66
N GLY B 248 19.00 17.17 -26.73
CA GLY B 248 19.78 17.07 -25.50
C GLY B 248 21.21 17.48 -25.76
N SER B 249 22.02 17.50 -24.71
CA SER B 249 23.41 17.95 -24.79
C SER B 249 24.45 16.98 -24.19
N GLY B 250 24.00 15.99 -23.41
CA GLY B 250 24.93 15.10 -22.73
C GLY B 250 25.56 15.74 -21.50
N LEU B 251 25.10 16.95 -21.12
CA LEU B 251 25.58 17.71 -19.95
C LEU B 251 24.39 18.02 -19.04
N PRO B 252 24.03 17.10 -18.12
CA PRO B 252 22.85 17.34 -17.26
C PRO B 252 23.09 18.18 -15.99
N PHE B 253 22.01 18.82 -15.55
CA PHE B 253 21.88 19.54 -14.28
C PHE B 253 21.01 18.65 -13.40
N SER B 254 21.36 18.56 -12.12
CA SER B 254 20.55 17.87 -11.15
C SER B 254 20.63 18.61 -9.86
N SER B 255 19.54 18.60 -9.13
CA SER B 255 19.40 19.23 -7.84
C SER B 255 18.43 18.43 -7.02
N GLU B 256 18.67 18.38 -5.71
CA GLU B 256 17.81 17.65 -4.80
C GLU B 256 16.71 18.56 -4.24
N LEU B 257 15.54 17.99 -3.96
CA LEU B 257 14.44 18.70 -3.31
C LEU B 257 14.54 18.52 -1.79
N PRO B 258 13.84 19.33 -0.95
CA PRO B 258 13.88 19.10 0.52
C PRO B 258 13.50 17.66 0.93
N ASN B 259 12.63 16.96 0.15
CA ASN B 259 12.20 15.57 0.46
C ASN B 259 13.17 14.48 -0.09
N GLY B 260 14.30 14.89 -0.66
CA GLY B 260 15.29 13.95 -1.16
C GLY B 260 15.13 13.54 -2.61
N TRP B 261 14.02 13.93 -3.27
CA TRP B 261 13.84 13.65 -4.69
C TRP B 261 14.78 14.50 -5.46
N SER B 262 15.02 14.16 -6.71
CA SER B 262 15.89 15.02 -7.48
C SER B 262 15.23 15.35 -8.81
N VAL B 263 15.55 16.53 -9.32
CA VAL B 263 15.11 17.00 -10.63
C VAL B 263 16.35 17.08 -11.54
N ARG B 264 16.20 16.62 -12.78
CA ARG B 264 17.27 16.72 -13.76
C ARG B 264 16.72 17.28 -15.06
N PHE B 265 17.58 18.04 -15.77
CA PHE B 265 17.37 18.62 -17.09
C PHE B 265 18.75 19.00 -17.67
N SER B 266 18.80 19.47 -18.94
CA SER B 266 20.07 19.92 -19.57
C SER B 266 20.60 21.15 -18.86
N ALA B 267 21.88 21.09 -18.46
CA ALA B 267 22.54 22.14 -17.68
C ALA B 267 22.92 23.34 -18.52
N CYS B 268 23.29 23.12 -19.79
CA CYS B 268 23.71 24.28 -20.56
C CYS B 268 23.33 24.18 -22.04
N PRO B 269 22.96 25.34 -22.63
CA PRO B 269 22.65 25.34 -24.07
C PRO B 269 23.88 25.08 -24.94
N VAL B 270 23.75 24.15 -25.89
CA VAL B 270 24.77 23.82 -26.88
C VAL B 270 24.27 24.44 -28.17
N LEU B 271 25.10 25.27 -28.82
CA LEU B 271 24.73 25.94 -30.06
C LEU B 271 25.54 25.42 -31.23
N ASP B 272 24.94 25.45 -32.42
CA ASP B 272 25.65 25.06 -33.64
C ASP B 272 26.53 26.24 -34.11
N VAL B 273 27.20 26.12 -35.27
CA VAL B 273 28.10 27.17 -35.80
C VAL B 273 27.31 28.47 -36.18
N ASN B 274 25.96 28.37 -36.34
CA ASN B 274 25.11 29.51 -36.65
C ASN B 274 24.46 30.06 -35.37
N LYS B 275 24.97 29.60 -34.20
CA LYS B 275 24.55 29.99 -32.86
C LYS B 275 23.08 29.62 -32.60
N GLN B 276 22.60 28.53 -33.26
CA GLN B 276 21.25 28.00 -33.07
C GLN B 276 21.29 26.83 -32.08
N HIS B 277 20.26 26.74 -31.23
CA HIS B 277 20.12 25.70 -30.23
C HIS B 277 19.93 24.33 -30.87
N THR B 278 20.66 23.32 -30.38
CA THR B 278 20.56 21.93 -30.88
C THR B 278 19.77 21.04 -29.87
N GLU B 279 19.38 21.63 -28.74
CA GLU B 279 18.70 20.97 -27.63
C GLU B 279 17.43 20.23 -28.04
N PHE B 280 16.67 20.80 -28.98
CA PHE B 280 15.35 20.30 -29.37
C PHE B 280 15.42 19.29 -30.47
N GLY B 281 16.62 19.07 -30.99
CA GLY B 281 16.85 18.10 -32.06
C GLY B 281 17.42 18.77 -33.27
N ILE B 282 18.23 18.01 -34.02
CA ILE B 282 18.91 18.39 -35.26
C ILE B 282 18.20 17.61 -36.38
N ASP B 283 17.64 18.32 -37.36
CA ASP B 283 16.97 17.74 -38.53
C ASP B 283 17.99 17.08 -39.46
N PRO B 284 17.66 15.92 -40.08
CA PRO B 284 18.60 15.33 -41.06
C PRO B 284 18.68 16.19 -42.33
N ASP B 285 19.70 15.95 -43.17
CA ASP B 285 19.80 16.63 -44.47
C ASP B 285 18.70 16.07 -45.38
N THR B 286 18.45 14.74 -45.27
CA THR B 286 17.44 14.02 -46.06
C THR B 286 16.58 13.24 -45.11
N ALA B 287 15.29 13.60 -45.04
CA ALA B 287 14.32 12.91 -44.20
C ALA B 287 13.92 11.58 -44.87
N VAL B 288 14.13 10.45 -44.17
CA VAL B 288 13.77 9.12 -44.65
C VAL B 288 13.15 8.39 -43.46
N ALA B 289 12.01 7.73 -43.67
CA ALA B 289 11.30 6.98 -42.64
C ALA B 289 11.16 5.52 -43.09
N ILE B 290 11.27 4.56 -42.15
CA ILE B 290 11.05 3.14 -42.46
C ILE B 290 9.54 2.98 -42.75
N THR B 291 9.20 2.46 -43.95
CA THR B 291 7.81 2.25 -44.40
C THR B 291 7.29 0.85 -43.98
N GLY B 292 5.97 0.69 -43.93
CA GLY B 292 5.33 -0.59 -43.64
C GLY B 292 5.60 -1.57 -44.77
N GLU B 293 5.76 -1.05 -45.98
CA GLU B 293 6.06 -1.80 -47.18
C GLU B 293 7.40 -2.54 -46.97
N ASP B 294 8.44 -1.81 -46.53
CA ASP B 294 9.78 -2.35 -46.26
C ASP B 294 9.85 -3.23 -45.00
N ILE B 295 9.07 -2.95 -43.95
CA ILE B 295 9.00 -3.82 -42.76
C ILE B 295 8.52 -5.21 -43.22
N LYS B 297 8.84 -6.51 -46.16
CA LYS B 297 9.87 -7.13 -47.01
C LYS B 297 11.17 -7.39 -46.22
N GLY B 298 11.18 -7.11 -44.89
CA GLY B 298 12.36 -7.24 -44.02
C GLY B 298 13.48 -6.26 -44.40
N ARG B 299 13.10 -5.10 -45.00
CA ARG B 299 14.04 -4.07 -45.45
CA ARG B 299 14.00 -4.05 -45.47
C ARG B 299 13.96 -2.82 -44.57
N ASP B 300 15.10 -2.14 -44.46
CA ASP B 300 15.24 -0.89 -43.72
C ASP B 300 15.33 0.21 -44.77
N THR B 301 14.24 0.98 -44.94
CA THR B 301 14.15 2.07 -45.92
C THR B 301 15.34 3.07 -45.79
N ILE B 302 15.79 3.34 -44.56
CA ILE B 302 16.87 4.30 -44.31
C ILE B 302 18.22 3.70 -44.77
N ILE B 303 18.52 2.43 -44.40
CA ILE B 303 19.76 1.80 -44.87
C ILE B 303 19.75 1.72 -46.43
N GLU B 304 18.59 1.36 -47.03
CA GLU B 304 18.44 1.22 -48.48
C GLU B 304 18.65 2.54 -49.21
N ALA B 305 18.08 3.65 -48.70
CA ALA B 305 18.21 4.99 -49.27
C ALA B 305 19.66 5.45 -49.17
N ALA B 306 20.32 5.17 -48.02
CA ALA B 306 21.74 5.50 -47.81
C ALA B 306 22.63 4.73 -48.80
N ILE B 307 22.34 3.39 -49.00
CA ILE B 307 23.07 2.55 -49.97
C ILE B 307 22.86 3.15 -51.38
N GLY B 308 21.60 3.45 -51.74
CA GLY B 308 21.25 4.00 -53.05
C GLY B 308 21.96 5.31 -53.36
N LEU B 309 21.99 6.22 -52.38
CA LEU B 309 22.65 7.51 -52.51
C LEU B 309 24.19 7.34 -52.72
N LEU B 310 24.85 6.50 -51.90
CA LEU B 310 26.27 6.23 -52.01
C LEU B 310 26.67 5.52 -53.32
N LEU B 311 25.77 4.70 -53.89
CA LEU B 311 26.05 3.98 -55.14
C LEU B 311 25.70 4.81 -56.37
N ALA B 312 25.10 5.98 -56.22
CA ALA B 312 24.73 6.77 -57.39
C ALA B 312 25.98 7.19 -58.15
N LYS B 313 26.09 6.74 -59.39
CA LYS B 313 27.26 7.12 -60.17
C LYS B 313 26.97 8.54 -60.62
N GLY B 314 27.94 9.42 -60.43
CA GLY B 314 27.79 10.82 -60.83
C GLY B 314 28.29 10.89 -62.25
N ASP B 315 29.42 11.57 -62.42
CA ASP B 315 30.11 11.65 -63.72
C ASP B 315 31.06 10.45 -63.90
N SER B 316 31.13 9.56 -62.87
CA SER B 316 32.01 8.38 -62.79
C SER B 316 33.47 8.76 -63.26
N ALA B 317 33.96 9.85 -62.67
CA ALA B 317 35.28 10.41 -62.86
C ALA B 317 35.98 10.59 -61.51
N ILE B 318 37.27 10.23 -61.45
CA ILE B 318 38.16 10.47 -60.31
C ILE B 318 38.68 11.89 -60.56
N SER B 319 38.28 12.85 -59.69
CA SER B 319 38.61 14.28 -59.84
C SER B 319 38.73 14.97 -58.51
N ASN C 5 -19.83 -1.55 -10.71
CA ASN C 5 -18.74 -0.85 -11.40
C ASN C 5 -17.67 -0.35 -10.43
N SER C 6 -16.49 -0.97 -10.55
CA SER C 6 -15.29 -0.72 -9.77
C SER C 6 -14.48 0.51 -10.24
N SER C 7 -14.68 1.01 -11.50
CA SER C 7 -13.87 2.09 -12.07
C SER C 7 -13.59 3.28 -11.11
N PRO C 8 -12.28 3.47 -10.78
CA PRO C 8 -11.90 4.56 -9.88
C PRO C 8 -12.41 5.92 -10.34
N ARG C 9 -12.29 6.24 -11.66
CA ARG C 9 -12.73 7.52 -12.19
C ARG C 9 -14.26 7.66 -12.22
N ASP C 10 -15.00 6.55 -12.45
CA ASP C 10 -16.48 6.54 -12.44
C ASP C 10 -17.01 6.78 -11.03
N ASN C 11 -16.34 6.22 -10.01
CA ASN C 11 -16.71 6.39 -8.61
C ASN C 11 -16.32 7.79 -8.15
N PHE C 12 -15.18 8.32 -8.64
CA PHE C 12 -14.81 9.72 -8.35
C PHE C 12 -15.91 10.67 -8.86
N GLU C 13 -16.28 10.54 -10.15
CA GLU C 13 -17.31 11.35 -10.82
C GLU C 13 -18.65 11.28 -10.09
N ALA C 14 -19.11 10.05 -9.77
CA ALA C 14 -20.38 9.81 -9.07
C ALA C 14 -20.40 10.43 -7.68
N LEU C 15 -19.32 10.23 -6.89
CA LEU C 15 -19.20 10.78 -5.53
C LEU C 15 -19.17 12.31 -5.56
N TRP C 16 -18.39 12.92 -6.48
CA TRP C 16 -18.34 14.38 -6.61
C TRP C 16 -19.76 14.96 -6.91
N ARG C 17 -20.49 14.32 -7.84
CA ARG C 17 -21.84 14.70 -8.27
C ARG C 17 -22.86 14.54 -7.13
N ILE C 18 -22.79 13.44 -6.36
CA ILE C 18 -23.69 13.20 -5.22
C ILE C 18 -23.54 14.34 -4.19
N ASP C 20 -22.14 17.42 -4.81
CA ASP C 20 -22.45 18.65 -5.49
C ASP C 20 -23.95 18.98 -5.47
N GLU C 21 -24.80 17.94 -5.61
CA GLU C 21 -26.25 18.12 -5.71
C GLU C 21 -27.00 17.92 -4.39
N ASN C 22 -26.41 17.24 -3.40
CA ASN C 22 -27.14 16.96 -2.16
C ASN C 22 -26.51 17.54 -0.90
N TYR C 23 -25.20 17.87 -0.91
CA TYR C 23 -24.53 18.46 0.28
C TYR C 23 -25.12 19.86 0.55
N CYS C 24 -25.57 20.10 1.79
CA CYS C 24 -26.31 21.30 2.21
C CYS C 24 -25.47 22.47 2.73
N PHE C 25 -24.17 22.31 2.99
CA PHE C 25 -23.45 23.37 3.68
C PHE C 25 -22.25 23.97 2.97
N PHE C 26 -22.27 23.97 1.62
CA PHE C 26 -21.16 24.54 0.81
C PHE C 26 -20.93 26.04 1.10
N ALA C 27 -22.00 26.81 1.42
CA ALA C 27 -21.92 28.24 1.71
C ALA C 27 -21.07 28.55 2.96
N PHE C 28 -20.86 27.56 3.85
CA PHE C 28 -20.11 27.70 5.11
C PHE C 28 -18.72 27.10 5.04
N LYS C 29 -18.24 26.76 3.82
CA LYS C 29 -16.93 26.12 3.66
C LYS C 29 -15.97 27.00 2.86
N ASP C 30 -14.68 27.02 3.29
CA ASP C 30 -13.56 27.74 2.67
C ASP C 30 -13.23 27.23 1.28
N VAL C 31 -13.56 25.97 0.96
CA VAL C 31 -13.28 25.42 -0.38
C VAL C 31 -14.44 25.68 -1.35
N ASP C 32 -14.12 25.66 -2.64
CA ASP C 32 -15.03 25.73 -3.77
C ASP C 32 -15.07 24.30 -4.32
N TRP C 33 -16.28 23.71 -4.43
CA TRP C 33 -16.44 22.32 -4.86
C TRP C 33 -16.00 22.09 -6.31
N ASP C 34 -16.01 23.16 -7.14
CA ASP C 34 -15.52 23.09 -8.54
C ASP C 34 -14.01 22.97 -8.57
N ASP C 35 -13.31 23.69 -7.68
CA ASP C 35 -11.85 23.67 -7.53
C ASP C 35 -11.40 22.30 -7.04
N VAL C 36 -12.20 21.71 -6.14
CA VAL C 36 -12.01 20.35 -5.59
C VAL C 36 -12.09 19.35 -6.75
N TYR C 37 -13.10 19.51 -7.64
CA TYR C 37 -13.20 18.66 -8.82
C TYR C 37 -11.91 18.74 -9.67
N ASP C 38 -11.44 19.97 -10.00
CA ASP C 38 -10.27 20.18 -10.86
C ASP C 38 -9.02 19.53 -10.29
N ARG C 39 -8.83 19.64 -8.96
CA ARG C 39 -7.66 19.08 -8.28
C ARG C 39 -7.71 17.54 -8.28
N TYR C 40 -8.83 16.93 -7.80
CA TYR C 40 -8.95 15.49 -7.69
C TYR C 40 -9.08 14.80 -9.05
N ASN C 41 -9.53 15.53 -10.07
CA ASN C 41 -9.60 15.03 -11.44
C ASN C 41 -8.20 14.59 -11.93
N LEU C 42 -7.16 15.34 -11.53
CA LEU C 42 -5.77 15.08 -11.89
C LEU C 42 -5.14 13.97 -11.03
N LEU C 43 -5.73 13.69 -9.86
CA LEU C 43 -5.19 12.72 -8.92
C LEU C 43 -5.80 11.30 -9.04
N VAL C 44 -7.11 11.20 -9.33
CA VAL C 44 -7.77 9.90 -9.45
C VAL C 44 -7.38 9.25 -10.78
N LYS C 45 -6.83 8.01 -10.72
CA LYS C 45 -6.42 7.24 -11.90
C LYS C 45 -7.07 5.87 -11.88
N ASP C 46 -7.40 5.33 -13.07
CA ASP C 46 -8.04 4.01 -13.18
C ASP C 46 -7.08 2.85 -12.77
N THR C 47 -5.78 3.15 -12.57
CA THR C 47 -4.78 2.17 -12.14
C THR C 47 -4.81 1.98 -10.61
N ASN C 49 -6.11 0.83 -6.95
CA ASN C 49 -6.86 -0.30 -6.42
C ASN C 49 -7.97 0.30 -5.52
N GLN C 50 -8.86 -0.53 -4.94
CA GLN C 50 -9.99 -0.08 -4.12
C GLN C 50 -9.56 0.68 -2.87
N TYR C 51 -8.40 0.37 -2.29
CA TYR C 51 -7.92 1.00 -1.07
C TYR C 51 -7.38 2.39 -1.35
N GLU C 52 -6.63 2.54 -2.48
CA GLU C 52 -6.05 3.82 -2.89
C GLU C 52 -7.18 4.79 -3.26
N LEU C 53 -8.22 4.29 -3.97
CA LEU C 53 -9.40 5.04 -4.35
C LEU C 53 -10.14 5.50 -3.09
N PHE C 54 -10.33 4.57 -2.11
CA PHE C 54 -11.01 4.87 -0.85
C PHE C 54 -10.29 5.99 -0.10
N ASP C 55 -8.95 5.92 -0.01
CA ASP C 55 -8.18 6.96 0.68
C ASP C 55 -8.30 8.34 0.00
N ILE C 56 -8.22 8.39 -1.36
CA ILE C 56 -8.30 9.65 -2.10
C ILE C 56 -9.71 10.22 -2.01
N LEU C 57 -10.75 9.40 -2.19
CA LEU C 57 -12.13 9.89 -2.12
C LEU C 57 -12.49 10.34 -0.67
N GLY C 58 -11.91 9.70 0.33
CA GLY C 58 -12.09 10.10 1.72
C GLY C 58 -11.48 11.47 1.96
N LYS C 59 -10.28 11.72 1.37
CA LYS C 59 -9.58 12.99 1.45
C LYS C 59 -10.38 14.09 0.75
N LEU C 61 -13.72 14.12 0.47
CA LEU C 61 -14.85 14.47 1.33
C LEU C 61 -14.37 15.32 2.49
N ALA C 62 -13.15 15.07 3.01
CA ALA C 62 -12.55 15.82 4.13
C ALA C 62 -12.31 17.30 3.77
N GLU C 63 -12.35 17.62 2.45
CA GLU C 63 -12.19 19.00 1.97
C GLU C 63 -13.28 19.94 2.55
N VAL C 64 -14.47 19.40 2.86
CA VAL C 64 -15.54 20.19 3.47
C VAL C 64 -15.43 20.17 5.00
N LYS C 65 -14.40 19.50 5.60
CA LYS C 65 -14.12 19.51 7.05
C LYS C 65 -15.43 19.30 7.88
N ASP C 66 -16.11 18.16 7.67
CA ASP C 66 -17.41 17.89 8.23
C ASP C 66 -17.42 16.61 9.09
N GLY C 67 -17.80 16.76 10.36
CA GLY C 67 -17.87 15.64 11.29
C GLY C 67 -18.97 14.64 11.03
N HIS C 68 -19.91 14.97 10.14
CA HIS C 68 -21.07 14.16 9.84
C HIS C 68 -21.07 13.62 8.39
N THR C 69 -19.94 13.74 7.69
CA THR C 69 -19.77 13.25 6.34
C THR C 69 -18.85 12.09 6.36
N ASN C 70 -19.33 10.95 5.82
CA ASN C 70 -18.54 9.74 5.81
C ASN C 70 -18.66 8.97 4.50
N LEU C 71 -17.56 8.30 4.12
CA LEU C 71 -17.52 7.38 3.00
C LEU C 71 -17.42 6.00 3.62
N ILE C 72 -18.34 5.08 3.24
CA ILE C 72 -18.40 3.77 3.87
C ILE C 72 -18.24 2.65 2.85
N SER C 73 -17.22 1.83 3.09
CA SER C 73 -16.96 0.60 2.34
C SER C 73 -17.06 -0.57 3.36
N SER C 74 -16.79 -1.79 2.93
CA SER C 74 -16.82 -2.93 3.82
C SER C 74 -15.48 -3.06 4.62
N PHE C 75 -14.45 -2.24 4.28
CA PHE C 75 -13.15 -2.31 4.95
C PHE C 75 -12.84 -1.08 5.80
N ASP C 76 -13.52 0.04 5.54
CA ASP C 76 -13.29 1.24 6.33
C ASP C 76 -14.40 2.23 6.18
N SER C 78 -14.49 6.52 6.20
CA SER C 78 -13.70 7.76 6.22
C SER C 78 -14.40 8.71 7.17
N ARG C 79 -13.64 9.59 7.82
CA ARG C 79 -14.21 10.54 8.78
C ARG C 79 -13.31 11.75 8.95
N TYR C 80 -13.90 12.93 9.17
CA TYR C 80 -13.14 14.13 9.48
C TYR C 80 -13.17 14.23 11.02
N TRP C 81 -12.24 13.50 11.67
CA TRP C 81 -12.15 13.38 13.12
C TRP C 81 -11.68 14.66 13.78
N ALA C 82 -10.98 15.55 13.04
CA ALA C 82 -10.52 16.85 13.59
C ALA C 82 -11.72 17.65 14.12
N TRP C 83 -12.89 17.49 13.49
CA TRP C 83 -14.13 18.12 13.97
C TRP C 83 -14.35 17.88 15.49
N TYR C 84 -14.03 16.66 15.97
CA TYR C 84 -14.18 16.23 17.37
C TYR C 84 -12.90 16.36 18.17
N GLU C 85 -11.77 15.94 17.58
CA GLU C 85 -10.47 15.88 18.22
C GLU C 85 -9.85 17.25 18.47
N ASP C 86 -10.34 18.31 17.81
CA ASP C 86 -9.83 19.67 18.08
C ASP C 86 -10.37 20.18 19.43
N TYR C 87 -11.33 19.45 20.02
CA TYR C 87 -11.96 19.79 21.31
C TYR C 87 -11.55 18.77 22.36
N PRO C 88 -11.46 19.17 23.65
CA PRO C 88 -11.11 18.18 24.69
C PRO C 88 -12.25 17.17 24.88
N ALA C 89 -11.94 15.97 25.40
CA ALA C 89 -12.95 14.93 25.62
C ALA C 89 -14.07 15.49 26.52
N ASN C 90 -13.71 16.19 27.65
CA ASN C 90 -14.61 16.81 28.63
C ASN C 90 -15.63 15.84 29.22
N PHE C 91 -15.23 14.55 29.30
CA PHE C 91 -16.02 13.46 29.89
C PHE C 91 -15.10 12.27 30.04
N TYR C 92 -15.16 11.60 31.19
CA TYR C 92 -14.39 10.40 31.52
C TYR C 92 -15.26 9.53 32.37
N LYS C 93 -15.58 8.33 31.88
CA LYS C 93 -16.42 7.34 32.57
C LYS C 93 -15.88 7.04 33.97
N GLU C 94 -14.54 6.87 34.09
CA GLU C 94 -13.87 6.54 35.35
C GLU C 94 -14.09 7.64 36.41
N ILE C 95 -14.13 8.93 35.97
CA ILE C 95 -14.37 10.06 36.87
C ILE C 95 -15.86 10.09 37.22
N GLN C 96 -16.73 9.83 36.22
CA GLN C 96 -18.17 9.79 36.41
C GLN C 96 -18.56 8.69 37.45
N ASP C 97 -17.82 7.56 37.49
CA ASP C 97 -18.01 6.45 38.45
C ASP C 97 -17.90 6.96 39.90
N ASN C 98 -17.14 8.04 40.13
CA ASN C 98 -16.99 8.62 41.48
C ASN C 98 -18.26 9.30 41.96
N TYR C 99 -19.13 9.70 41.02
CA TYR C 99 -20.40 10.37 41.29
C TYR C 99 -21.54 9.38 41.27
N LEU C 100 -21.60 8.50 40.25
CA LEU C 100 -22.66 7.51 40.15
C LEU C 100 -22.47 6.37 41.17
N GLY C 101 -21.22 5.97 41.40
CA GLY C 101 -20.92 4.88 42.33
C GLY C 101 -21.52 3.56 41.86
N THR C 102 -22.00 2.76 42.81
CA THR C 102 -22.60 1.46 42.48
C THR C 102 -24.10 1.42 42.81
N ASP C 103 -24.59 2.43 43.57
CA ASP C 103 -25.96 2.51 44.08
C ASP C 103 -26.87 3.44 43.28
N TYR C 104 -26.45 3.80 42.05
CA TYR C 104 -27.25 4.66 41.18
C TYR C 104 -28.47 3.87 40.67
N LYS C 105 -29.50 4.58 40.24
CA LYS C 105 -30.71 3.93 39.74
C LYS C 105 -30.69 3.82 38.23
N ILE C 106 -31.35 2.78 37.68
CA ILE C 106 -31.43 2.55 36.23
C ILE C 106 -32.90 2.60 35.79
N ALA C 107 -33.26 3.56 34.93
CA ALA C 107 -34.61 3.71 34.39
C ALA C 107 -34.50 3.85 32.90
N GLY C 108 -34.64 2.72 32.21
CA GLY C 108 -34.48 2.65 30.76
C GLY C 108 -33.03 2.98 30.43
N GLY C 109 -32.83 3.93 29.52
CA GLY C 109 -31.50 4.35 29.10
C GLY C 109 -30.84 5.34 30.03
N LYS C 111 -29.27 6.61 33.81
CA LYS C 111 -28.60 6.34 35.09
C LYS C 111 -28.88 7.57 35.94
N TYR C 112 -29.40 7.40 37.15
CA TYR C 112 -29.73 8.61 37.93
C TYR C 112 -29.47 8.44 39.42
N LYS C 113 -29.06 9.53 40.05
CA LYS C 113 -28.68 9.54 41.46
C LYS C 113 -28.76 10.95 42.03
N ARG C 114 -29.13 11.05 43.31
CA ARG C 114 -29.14 12.30 44.04
C ARG C 114 -27.72 12.61 44.50
N LEU C 115 -27.26 13.85 44.28
CA LEU C 115 -25.94 14.32 44.71
C LEU C 115 -26.10 15.47 45.71
N ALA C 116 -24.96 15.86 46.35
CA ALA C 116 -24.82 16.99 47.27
C ALA C 116 -25.89 16.96 48.40
N ASP C 117 -25.80 15.94 49.28
CA ASP C 117 -26.70 15.74 50.43
C ASP C 117 -28.19 15.74 50.00
N ASP C 118 -28.48 15.06 48.88
CA ASP C 118 -29.81 14.84 48.25
C ASP C 118 -30.48 16.14 47.73
N GLN C 119 -29.71 17.22 47.54
CA GLN C 119 -30.25 18.49 47.07
C GLN C 119 -30.28 18.59 45.56
N ILE C 120 -29.47 17.77 44.86
CA ILE C 120 -29.32 17.85 43.41
C ILE C 120 -29.57 16.51 42.76
N GLY C 121 -30.43 16.53 41.74
CA GLY C 121 -30.74 15.36 40.96
C GLY C 121 -29.81 15.27 39.78
N TYR C 122 -29.07 14.14 39.63
CA TYR C 122 -28.15 13.95 38.51
C TYR C 122 -28.64 12.81 37.61
N VAL C 123 -28.74 13.07 36.31
CA VAL C 123 -29.13 12.08 35.31
C VAL C 123 -28.04 12.01 34.24
N TYR C 124 -27.62 10.80 33.90
CA TYR C 124 -26.74 10.58 32.76
C TYR C 124 -27.55 9.82 31.70
N TYR C 125 -27.65 10.41 30.52
CA TYR C 125 -28.32 9.80 29.39
C TYR C 125 -27.30 9.67 28.24
N GLY C 126 -26.69 8.49 28.13
CA GLY C 126 -25.61 8.21 27.18
C GLY C 126 -25.98 8.04 25.73
N SER C 127 -27.22 7.62 25.45
CA SER C 127 -27.63 7.38 24.07
C SER C 127 -29.12 7.58 23.86
N PHE C 128 -29.51 8.34 22.80
CA PHE C 128 -30.91 8.49 22.41
C PHE C 128 -31.41 7.22 21.66
N SER C 129 -30.55 6.17 21.55
CA SER C 129 -30.89 4.85 20.98
C SER C 129 -31.38 3.93 22.08
N SER C 130 -31.04 4.26 23.32
CA SER C 130 -31.50 3.51 24.48
CA SER C 130 -31.50 3.52 24.49
C SER C 130 -32.74 4.21 25.01
N GLY C 131 -33.88 3.58 24.80
CA GLY C 131 -35.18 4.11 25.17
C GLY C 131 -35.46 4.45 26.62
N VAL C 132 -36.30 5.46 26.78
CA VAL C 132 -36.82 5.85 28.06
C VAL C 132 -38.33 5.94 27.87
N GLY C 133 -39.04 5.30 28.77
CA GLY C 133 -40.50 5.33 28.77
C GLY C 133 -41.03 6.49 29.59
N GLU C 134 -42.33 6.71 29.53
CA GLU C 134 -43.05 7.74 30.28
C GLU C 134 -42.98 7.49 31.79
N ASN C 135 -43.07 6.19 32.21
CA ASN C 135 -42.99 5.80 33.62
C ASN C 135 -41.57 6.00 34.14
N ASN C 136 -40.53 5.63 33.33
CA ASN C 136 -39.12 5.88 33.65
C ASN C 136 -38.89 7.33 34.04
N LEU C 137 -39.42 8.26 33.22
CA LEU C 137 -39.29 9.71 33.46
C LEU C 137 -40.05 10.13 34.73
N ASP C 138 -41.30 9.66 34.91
CA ASP C 138 -42.11 9.99 36.10
C ASP C 138 -41.43 9.52 37.38
N TYR C 139 -40.80 8.32 37.35
CA TYR C 139 -40.09 7.76 38.50
C TYR C 139 -38.82 8.53 38.83
N PHE C 141 -38.18 11.76 38.09
CA PHE C 141 -38.62 13.05 38.64
C PHE C 141 -39.13 12.90 40.08
N ALA C 142 -39.91 11.81 40.39
CA ALA C 142 -40.42 11.59 41.75
C ALA C 142 -39.26 11.36 42.73
N HIS C 143 -38.19 10.67 42.28
CA HIS C 143 -37.00 10.44 43.12
C HIS C 143 -36.32 11.77 43.49
N PHE C 144 -36.51 12.80 42.63
CA PHE C 144 -35.92 14.12 42.76
C PHE C 144 -36.89 15.21 43.19
N LYS C 145 -38.09 14.83 43.67
CA LYS C 145 -39.14 15.80 44.03
C LYS C 145 -38.68 16.85 45.10
N GLU C 146 -37.72 16.50 45.99
CA GLU C 146 -37.24 17.43 47.00
C GLU C 146 -35.92 18.12 46.59
N CYS C 147 -35.42 17.84 45.39
CA CYS C 147 -34.16 18.41 44.90
C CYS C 147 -34.35 19.86 44.46
N LYS C 148 -33.36 20.72 44.75
CA LYS C 148 -33.31 22.13 44.35
C LYS C 148 -33.15 22.29 42.82
N GLY C 149 -32.47 21.33 42.20
CA GLY C 149 -32.20 21.34 40.76
C GLY C 149 -31.82 20.02 40.15
N LEU C 150 -31.75 20.00 38.82
CA LEU C 150 -31.46 18.84 38.03
C LEU C 150 -30.27 19.06 37.13
N ILE C 151 -29.39 18.07 37.08
CA ILE C 151 -28.27 18.01 36.15
C ILE C 151 -28.65 16.93 35.13
N PHE C 152 -28.84 17.34 33.86
CA PHE C 152 -29.18 16.38 32.79
C PHE C 152 -27.94 16.28 31.90
N ASP C 153 -27.17 15.23 32.10
CA ASP C 153 -25.89 15.05 31.41
C ASP C 153 -26.04 14.23 30.13
N VAL C 154 -25.78 14.87 28.98
CA VAL C 154 -25.83 14.22 27.65
C VAL C 154 -24.44 14.28 26.96
N ARG C 155 -23.37 14.39 27.75
CA ARG C 155 -22.02 14.37 27.20
C ARG C 155 -21.76 12.96 26.63
N ASP C 156 -21.04 12.88 25.48
CA ASP C 156 -20.72 11.60 24.82
C ASP C 156 -21.98 10.88 24.30
N ASN C 157 -23.08 11.63 24.06
CA ASN C 157 -24.29 11.07 23.53
C ASN C 157 -24.36 11.44 22.04
N GLY C 158 -24.01 10.48 21.18
CA GLY C 158 -23.98 10.64 19.73
C GLY C 158 -25.33 10.63 19.03
N GLY C 159 -26.41 10.71 19.81
CA GLY C 159 -27.75 10.78 19.28
C GLY C 159 -28.48 9.46 19.32
N GLY C 160 -29.43 9.32 18.40
CA GLY C 160 -30.27 8.15 18.30
C GLY C 160 -31.66 8.51 17.84
N SER C 161 -32.67 8.07 18.57
CA SER C 161 -34.06 8.27 18.17
C SER C 161 -34.60 9.64 18.61
N LEU C 163 -37.71 10.24 18.87
CA LEU C 163 -38.85 9.89 19.72
C LEU C 163 -38.53 10.18 21.17
N TYR C 164 -37.32 9.77 21.63
CA TYR C 164 -36.85 9.94 23.01
C TYR C 164 -36.40 11.34 23.22
N SER C 165 -35.86 11.93 22.20
CA SER C 165 -35.43 13.32 22.26
C SER C 165 -36.68 14.21 22.64
N ASP C 166 -37.78 14.04 21.89
CA ASP C 166 -39.07 14.68 22.01
C ASP C 166 -39.75 14.35 23.37
N ARG C 167 -39.73 13.06 23.74
CA ARG C 167 -40.37 12.60 24.97
C ARG C 167 -39.73 13.25 26.20
N ILE C 168 -38.38 13.38 26.23
CA ILE C 168 -37.70 13.98 27.36
C ILE C 168 -37.92 15.52 27.38
N ALA C 169 -37.62 16.23 26.28
CA ALA C 169 -37.72 17.70 26.21
C ALA C 169 -39.12 18.23 26.59
N SER C 170 -40.19 17.50 26.23
CA SER C 170 -41.57 17.93 26.52
C SER C 170 -41.89 17.89 28.02
N ARG C 171 -41.01 17.32 28.85
CA ARG C 171 -41.17 17.31 30.31
C ARG C 171 -40.68 18.63 30.97
N PHE C 172 -40.07 19.54 30.19
CA PHE C 172 -39.52 20.77 30.73
C PHE C 172 -40.26 22.00 30.19
N LEU C 173 -41.33 21.77 29.42
CA LEU C 173 -42.11 22.85 28.83
C LEU C 173 -43.26 23.31 29.74
N GLU C 174 -43.55 24.63 29.70
CA GLU C 174 -44.66 25.24 30.41
C GLU C 174 -45.85 25.40 29.44
N GLU C 175 -45.51 25.61 28.16
CA GLU C 175 -46.44 25.86 27.08
C GLU C 175 -45.84 25.43 25.75
N ARG C 176 -46.70 25.33 24.71
CA ARG C 176 -46.31 25.01 23.36
C ARG C 176 -45.33 26.10 22.88
N ILE C 177 -44.24 25.69 22.21
CA ILE C 177 -43.22 26.63 21.73
C ILE C 177 -42.73 26.26 20.35
N LEU C 178 -42.19 27.25 19.65
CA LEU C 178 -41.47 27.10 18.41
C LEU C 178 -40.08 26.59 18.83
N THR C 179 -39.62 25.45 18.27
CA THR C 179 -38.33 24.87 18.66
C THR C 179 -37.23 25.25 17.67
N GLY C 180 -37.65 25.62 16.47
CA GLY C 180 -36.76 26.01 15.40
C GLY C 180 -37.40 25.74 14.07
N TYR C 181 -36.57 25.57 13.04
CA TYR C 181 -37.00 25.35 11.66
C TYR C 181 -36.20 24.28 10.98
N THR C 182 -36.79 23.70 9.90
CA THR C 182 -36.12 22.74 9.02
C THR C 182 -36.26 23.26 7.60
N GLN C 183 -35.26 22.98 6.76
CA GLN C 183 -35.21 23.28 5.33
C GLN C 183 -34.87 22.01 4.62
N TYR C 184 -35.25 21.86 3.36
CA TYR C 184 -34.93 20.65 2.60
C TYR C 184 -34.43 21.07 1.24
N LYS C 185 -33.42 20.33 0.76
CA LYS C 185 -32.83 20.53 -0.56
C LYS C 185 -33.93 20.33 -1.61
N LYS C 186 -34.22 21.41 -2.35
CA LYS C 186 -35.25 21.47 -3.38
C LYS C 186 -34.68 21.15 -4.79
N GLY C 187 -33.50 21.69 -5.10
CA GLY C 187 -32.81 21.51 -6.38
C GLY C 187 -31.33 21.22 -6.22
N ASN C 188 -30.61 21.04 -7.37
CA ASN C 188 -29.18 20.70 -7.43
C ASN C 188 -28.27 21.82 -6.98
N GLY C 189 -28.71 23.07 -7.12
CA GLY C 189 -27.95 24.24 -6.71
C GLY C 189 -27.62 24.18 -5.23
N HIS C 190 -26.39 24.58 -4.86
CA HIS C 190 -25.85 24.53 -3.50
C HIS C 190 -26.73 25.24 -2.45
N ASN C 191 -27.51 26.25 -2.86
CA ASN C 191 -28.42 27.00 -1.98
C ASN C 191 -29.90 26.84 -2.39
N ASP C 192 -30.22 25.78 -3.17
CA ASP C 192 -31.61 25.59 -3.61
C ASP C 192 -32.40 24.82 -2.51
N PHE C 193 -32.86 25.57 -1.48
CA PHE C 193 -33.62 25.07 -0.32
C PHE C 193 -35.05 25.55 -0.28
N THR C 194 -35.93 24.74 0.35
CA THR C 194 -37.31 25.12 0.66
C THR C 194 -37.25 26.23 1.75
N GLN C 195 -38.35 26.93 1.94
CA GLN C 195 -38.42 27.96 2.97
C GLN C 195 -38.39 27.32 4.35
N PRO C 196 -37.79 27.98 5.37
CA PRO C 196 -37.75 27.38 6.72
C PRO C 196 -39.15 26.98 7.22
N ASN C 197 -39.31 25.70 7.57
CA ASN C 197 -40.56 25.15 8.06
C ASN C 197 -40.54 25.12 9.60
N PRO C 198 -41.47 25.85 10.27
CA PRO C 198 -41.46 25.87 11.75
C PRO C 198 -41.82 24.52 12.39
N VAL C 199 -41.09 24.15 13.42
CA VAL C 199 -41.30 22.93 14.18
C VAL C 199 -41.71 23.37 15.60
N TYR C 200 -42.80 22.80 16.11
CA TYR C 200 -43.32 23.12 17.43
C TYR C 200 -43.27 21.91 18.35
N LEU C 201 -43.22 22.16 19.67
CA LEU C 201 -43.25 21.13 20.71
C LEU C 201 -44.25 21.52 21.77
N SER C 202 -45.13 20.58 22.15
CA SER C 202 -46.14 20.82 23.16
C SER C 202 -45.71 20.23 24.49
N PRO C 203 -46.12 20.82 25.64
CA PRO C 203 -45.71 20.24 26.93
C PRO C 203 -46.33 18.87 27.15
N SER C 204 -45.66 18.01 27.94
CA SER C 204 -46.18 16.69 28.29
C SER C 204 -47.38 16.82 29.28
N ASP C 205 -48.26 15.80 29.30
CA ASP C 205 -49.38 15.69 30.24
C ASP C 205 -48.91 14.94 31.51
N ARG C 206 -47.71 14.36 31.46
CA ARG C 206 -47.10 13.62 32.57
C ARG C 206 -46.29 14.59 33.50
N THR C 207 -45.47 14.06 34.42
CA THR C 207 -44.68 14.88 35.37
C THR C 207 -43.72 15.79 34.64
N ARG C 208 -43.78 17.09 34.97
CA ARG C 208 -42.91 18.11 34.39
C ARG C 208 -41.93 18.67 35.42
N TRP C 209 -40.76 19.14 34.96
CA TRP C 209 -39.73 19.71 35.84
C TRP C 209 -39.55 21.17 35.46
N LEU C 210 -39.98 22.07 36.36
CA LEU C 210 -39.91 23.50 36.09
C LEU C 210 -38.90 24.20 36.99
N ARG C 211 -38.21 23.42 37.83
CA ARG C 211 -37.16 23.92 38.71
C ARG C 211 -35.85 24.05 37.87
N PRO C 212 -34.78 24.72 38.38
CA PRO C 212 -33.56 24.86 37.56
C PRO C 212 -32.99 23.54 37.04
N VAL C 213 -32.47 23.58 35.80
CA VAL C 213 -31.84 22.44 35.11
C VAL C 213 -30.50 22.88 34.52
N ILE C 214 -29.46 22.06 34.73
CA ILE C 214 -28.18 22.24 34.03
C ILE C 214 -28.03 21.09 33.05
N VAL C 215 -27.97 21.41 31.74
CA VAL C 215 -27.77 20.40 30.68
C VAL C 215 -26.26 20.39 30.40
N LEU C 216 -25.63 19.21 30.51
CA LEU C 216 -24.18 19.09 30.29
C LEU C 216 -23.91 18.60 28.87
N THR C 217 -23.04 19.32 28.14
CA THR C 217 -22.71 18.98 26.76
C THR C 217 -21.22 18.96 26.53
N ASN C 218 -20.80 18.21 25.47
CA ASN C 218 -19.42 18.21 25.01
C ASN C 218 -19.43 18.04 23.51
N ARG C 219 -18.25 18.04 22.84
CA ARG C 219 -18.19 17.91 21.39
C ARG C 219 -18.73 16.56 20.92
N HIS C 220 -18.79 15.59 21.84
CA HIS C 220 -19.32 14.28 21.54
C HIS C 220 -20.85 14.19 21.81
N SER C 221 -21.53 15.36 21.99
CA SER C 221 -22.98 15.50 22.07
C SER C 221 -23.41 15.94 20.68
N TYR C 222 -24.00 15.04 19.87
CA TYR C 222 -24.33 15.45 18.51
C TYR C 222 -25.53 14.70 17.95
N SER C 223 -25.94 15.09 16.72
CA SER C 223 -27.07 14.56 15.96
C SER C 223 -28.37 14.78 16.74
N ALA C 224 -29.18 13.75 17.09
CA ALA C 224 -30.42 13.98 17.85
C ALA C 224 -30.17 14.74 19.17
N THR C 225 -29.00 14.56 19.78
CA THR C 225 -28.60 15.24 21.02
C THR C 225 -28.45 16.74 20.76
N ASN C 226 -27.96 17.12 19.57
CA ASN C 226 -27.82 18.51 19.18
C ASN C 226 -29.20 19.17 19.09
N ASP C 227 -30.19 18.46 18.52
CA ASP C 227 -31.57 18.92 18.42
C ASP C 227 -32.23 19.03 19.81
N PHE C 228 -31.92 18.08 20.71
CA PHE C 228 -32.41 18.05 22.09
C PHE C 228 -31.88 19.30 22.85
N VAL C 229 -30.57 19.54 22.74
CA VAL C 229 -29.90 20.67 23.38
C VAL C 229 -30.52 21.99 22.85
N ASN C 230 -30.76 22.07 21.52
CA ASN C 230 -31.35 23.22 20.87
C ASN C 230 -32.69 23.60 21.49
N VAL C 231 -33.53 22.60 21.80
CA VAL C 231 -34.85 22.84 22.41
C VAL C 231 -34.67 23.24 23.88
N ARG C 233 -32.20 24.72 25.54
CA ARG C 233 -31.67 26.07 25.77
C ARG C 233 -32.71 27.18 25.52
N LEU C 234 -33.90 26.83 25.01
CA LEU C 234 -34.96 27.82 24.80
C LEU C 234 -35.78 28.02 26.07
N LEU C 235 -35.59 27.17 27.06
CA LEU C 235 -36.38 27.12 28.29
C LEU C 235 -35.80 27.94 29.40
N PRO C 236 -36.66 28.75 30.08
CA PRO C 236 -36.16 29.70 31.11
C PRO C 236 -35.43 29.07 32.29
N GLN C 237 -35.82 27.83 32.73
CA GLN C 237 -35.16 27.19 33.87
C GLN C 237 -33.86 26.44 33.45
N VAL C 238 -33.53 26.41 32.15
CA VAL C 238 -32.38 25.62 31.68
C VAL C 238 -31.12 26.46 31.43
N THR C 239 -29.97 25.94 31.92
CA THR C 239 -28.63 26.45 31.64
C THR C 239 -27.88 25.30 30.97
N VAL C 240 -27.21 25.57 29.85
CA VAL C 240 -26.39 24.56 29.16
C VAL C 240 -24.93 24.85 29.57
N GLY C 242 -20.69 23.22 29.74
CA GLY C 242 -19.69 22.30 29.22
C GLY C 242 -18.98 22.86 28.01
N ASP C 243 -19.11 22.15 26.90
CA ASP C 243 -18.46 22.56 25.66
C ASP C 243 -19.45 22.59 24.51
N ARG C 244 -19.04 23.24 23.40
CA ARG C 244 -19.83 23.30 22.17
C ARG C 244 -20.25 21.88 21.76
N THR C 245 -21.50 21.73 21.27
CA THR C 245 -21.94 20.41 20.80
C THR C 245 -21.22 20.07 19.51
N GLY C 246 -21.30 18.78 19.12
CA GLY C 246 -20.70 18.25 17.90
C GLY C 246 -21.57 18.48 16.69
N GLY C 247 -22.66 19.23 16.88
CA GLY C 247 -23.56 19.59 15.79
C GLY C 247 -24.30 18.44 15.17
N GLY C 248 -24.55 18.53 13.86
CA GLY C 248 -25.34 17.54 13.14
C GLY C 248 -26.83 17.75 13.38
N SER C 249 -27.67 16.94 12.75
CA SER C 249 -29.12 17.11 12.82
C SER C 249 -29.91 15.84 13.15
N GLY C 250 -29.30 14.67 13.08
CA GLY C 250 -30.06 13.45 13.31
C GLY C 250 -30.97 13.06 12.15
N LEU C 251 -30.84 13.77 11.00
CA LEU C 251 -31.56 13.51 9.77
C LEU C 251 -30.55 13.27 8.66
N PRO C 252 -30.08 12.02 8.46
CA PRO C 252 -29.05 11.77 7.44
C PRO C 252 -29.52 11.53 6.02
N PHE C 253 -28.63 11.87 5.07
CA PHE C 253 -28.71 11.56 3.66
C PHE C 253 -27.74 10.39 3.40
N SER C 254 -28.07 9.49 2.52
CA SER C 254 -27.15 8.43 2.11
C SER C 254 -27.45 8.07 0.68
N SER C 255 -26.41 7.74 -0.05
CA SER C 255 -26.47 7.33 -1.44
C SER C 255 -25.35 6.35 -1.71
N GLU C 256 -25.60 5.38 -2.57
CA GLU C 256 -24.61 4.39 -2.97
C GLU C 256 -23.80 4.85 -4.17
N LEU C 257 -22.54 4.42 -4.25
CA LEU C 257 -21.64 4.71 -5.39
C LEU C 257 -21.74 3.54 -6.38
N PRO C 258 -21.28 3.69 -7.66
CA PRO C 258 -21.28 2.53 -8.59
C PRO C 258 -20.57 1.28 -8.04
N ASN C 259 -19.55 1.44 -7.16
CA ASN C 259 -18.78 0.32 -6.59
C ASN C 259 -19.43 -0.27 -5.30
N GLY C 260 -20.62 0.21 -4.93
CA GLY C 260 -21.34 -0.31 -3.78
C GLY C 260 -21.04 0.37 -2.46
N TRP C 261 -20.06 1.29 -2.44
CA TRP C 261 -19.79 2.04 -1.20
C TRP C 261 -20.90 3.05 -1.01
N SER C 262 -21.00 3.62 0.17
CA SER C 262 -22.02 4.61 0.46
CA SER C 262 -22.01 4.63 0.37
C SER C 262 -21.40 5.87 0.99
N VAL C 263 -22.02 7.00 0.70
CA VAL C 263 -21.65 8.31 1.23
C VAL C 263 -22.85 8.80 2.05
N ARG C 264 -22.58 9.30 3.25
CA ARG C 264 -23.61 9.85 4.11
C ARG C 264 -23.16 11.24 4.63
N PHE C 265 -24.13 12.12 4.88
CA PHE C 265 -24.03 13.47 5.42
C PHE C 265 -25.39 13.92 5.88
N SER C 266 -25.47 15.07 6.57
CA SER C 266 -26.75 15.63 7.02
C SER C 266 -27.60 15.97 5.80
N ALA C 267 -28.84 15.48 5.79
CA ALA C 267 -29.77 15.66 4.68
C ALA C 267 -30.44 17.02 4.67
N CYS C 268 -30.70 17.60 5.86
CA CYS C 268 -31.42 18.86 5.94
CA CYS C 268 -31.43 18.86 5.96
C CYS C 268 -30.79 19.87 6.92
N PRO C 269 -30.69 21.17 6.56
CA PRO C 269 -30.25 22.16 7.56
C PRO C 269 -31.34 22.35 8.66
N VAL C 270 -30.92 22.34 9.92
CA VAL C 270 -31.79 22.60 11.08
C VAL C 270 -31.41 23.99 11.57
N LEU C 271 -32.42 24.87 11.74
CA LEU C 271 -32.21 26.24 12.19
C LEU C 271 -32.80 26.46 13.56
N ASP C 272 -32.18 27.34 14.35
CA ASP C 272 -32.72 27.69 15.65
C ASP C 272 -33.88 28.72 15.46
N VAL C 273 -34.43 29.25 16.58
CA VAL C 273 -35.57 30.21 16.51
C VAL C 273 -35.15 31.56 15.84
N ASN C 274 -33.83 31.83 15.74
CA ASN C 274 -33.34 33.04 15.08
C ASN C 274 -32.90 32.72 13.65
N LYS C 275 -33.28 31.54 13.14
CA LYS C 275 -33.02 31.03 11.79
C LYS C 275 -31.49 30.87 11.54
N GLN C 276 -30.74 30.59 12.61
CA GLN C 276 -29.29 30.33 12.53
C GLN C 276 -29.05 28.84 12.50
N HIS C 277 -28.08 28.40 11.69
CA HIS C 277 -27.70 27.00 11.51
C HIS C 277 -27.11 26.43 12.79
N THR C 278 -27.58 25.23 13.20
CA THR C 278 -27.10 24.52 14.40
C THR C 278 -26.18 23.32 14.01
N GLU C 279 -26.02 23.07 12.69
CA GLU C 279 -25.23 21.97 12.12
C GLU C 279 -23.81 21.93 12.65
N PHE C 280 -23.19 23.09 12.84
CA PHE C 280 -21.78 23.22 13.21
C PHE C 280 -21.58 23.20 14.73
N GLY C 281 -22.67 23.11 15.47
CA GLY C 281 -22.60 23.04 16.92
C GLY C 281 -23.34 24.18 17.57
N ILE C 282 -23.65 24.00 18.84
CA ILE C 282 -24.30 24.98 19.69
C ILE C 282 -23.34 25.22 20.86
N ASP C 283 -23.05 26.49 21.16
CA ASP C 283 -22.19 26.87 22.29
C ASP C 283 -22.95 26.77 23.63
N PRO C 284 -22.30 26.34 24.72
CA PRO C 284 -23.02 26.31 26.02
C PRO C 284 -23.25 27.73 26.53
N ASP C 285 -24.14 27.89 27.54
CA ASP C 285 -24.38 29.19 28.18
C ASP C 285 -23.17 29.52 29.02
N THR C 286 -22.57 28.48 29.68
CA THR C 286 -21.37 28.60 30.50
C THR C 286 -20.35 27.58 30.04
N ALA C 287 -19.22 28.04 29.51
CA ALA C 287 -18.13 27.16 29.07
C ALA C 287 -17.37 26.65 30.29
N VAL C 288 -17.33 25.32 30.47
CA VAL C 288 -16.60 24.67 31.56
C VAL C 288 -15.87 23.48 30.94
N ALA C 289 -14.58 23.36 31.21
CA ALA C 289 -13.74 22.27 30.72
C ALA C 289 -13.19 21.45 31.89
N ILE C 290 -13.10 20.11 31.75
CA ILE C 290 -12.49 19.26 32.78
C ILE C 290 -10.99 19.58 32.79
N THR C 291 -10.45 19.89 33.96
CA THR C 291 -9.05 20.30 34.08
C THR C 291 -8.18 19.12 34.46
N GLY C 292 -6.92 19.18 34.06
CA GLY C 292 -5.93 18.15 34.37
C GLY C 292 -5.84 17.87 35.87
N GLU C 293 -5.81 18.93 36.67
CA GLU C 293 -5.70 18.82 38.12
C GLU C 293 -6.98 18.24 38.72
N ASP C 294 -8.15 18.46 38.08
CA ASP C 294 -9.37 17.87 38.59
C ASP C 294 -9.36 16.37 38.31
N ILE C 295 -8.87 15.94 37.13
CA ILE C 295 -8.73 14.52 36.78
C ILE C 295 -7.92 13.84 37.92
N LYS C 297 -7.61 14.62 40.93
CA LYS C 297 -8.36 14.60 42.20
C LYS C 297 -9.59 13.68 42.09
N GLY C 298 -9.81 13.08 40.92
CA GLY C 298 -10.96 12.21 40.62
C GLY C 298 -12.26 12.98 40.53
N ARG C 299 -12.16 14.29 40.19
CA ARG C 299 -13.28 15.22 40.09
C ARG C 299 -13.61 15.58 38.66
N ASP C 300 -14.89 15.83 38.41
CA ASP C 300 -15.40 16.27 37.11
C ASP C 300 -15.69 17.75 37.27
N THR C 301 -14.83 18.62 36.71
CA THR C 301 -14.98 20.09 36.80
C THR C 301 -16.39 20.55 36.37
N ILE C 302 -16.97 19.90 35.35
CA ILE C 302 -18.30 20.27 34.80
C ILE C 302 -19.39 19.88 35.80
N ILE C 303 -19.39 18.64 36.33
CA ILE C 303 -20.40 18.24 37.32
C ILE C 303 -20.28 19.16 38.57
N GLU C 304 -19.04 19.45 39.03
CA GLU C 304 -18.79 20.32 40.19
C GLU C 304 -19.32 21.75 39.99
N ALA C 305 -19.06 22.35 38.83
CA ALA C 305 -19.54 23.70 38.47
C ALA C 305 -21.06 23.72 38.41
N ALA C 306 -21.68 22.65 37.85
CA ALA C 306 -23.14 22.52 37.77
C ALA C 306 -23.75 22.42 39.17
N ILE C 307 -23.11 21.60 40.08
CA ILE C 307 -23.56 21.48 41.47
C ILE C 307 -23.46 22.86 42.16
N GLY C 308 -22.31 23.54 42.00
CA GLY C 308 -22.06 24.85 42.59
C GLY C 308 -23.07 25.90 42.16
N LEU C 309 -23.37 25.94 40.85
CA LEU C 309 -24.34 26.86 40.28
C LEU C 309 -25.75 26.62 40.83
N LEU C 310 -26.21 25.35 40.88
CA LEU C 310 -27.53 25.00 41.37
C LEU C 310 -27.69 25.26 42.87
N LEU C 311 -26.61 25.14 43.65
CA LEU C 311 -26.64 25.37 45.09
C LEU C 311 -26.47 26.85 45.44
N ALA C 312 -25.95 27.66 44.51
CA ALA C 312 -25.79 29.11 44.68
C ALA C 312 -27.17 29.76 44.74
N LYS C 313 -28.01 29.41 43.72
CA LYS C 313 -29.39 29.83 43.51
C LYS C 313 -30.34 28.97 44.36
N SER D 6 -49.50 -6.79 41.66
CA SER D 6 -50.59 -6.44 42.56
C SER D 6 -50.06 -6.30 44.02
N SER D 7 -50.48 -7.22 44.92
CA SER D 7 -50.04 -7.31 46.31
C SER D 7 -48.50 -7.56 46.47
N PRO D 8 -47.83 -6.98 47.51
CA PRO D 8 -46.40 -7.27 47.75
C PRO D 8 -46.10 -8.76 48.00
N ARG D 9 -46.94 -9.43 48.81
CA ARG D 9 -46.75 -10.84 49.12
C ARG D 9 -46.98 -11.71 47.87
N ASP D 10 -47.89 -11.30 46.95
CA ASP D 10 -48.13 -12.03 45.68
C ASP D 10 -46.93 -11.96 44.78
N ASN D 11 -46.26 -10.78 44.74
CA ASN D 11 -45.04 -10.58 43.94
C ASN D 11 -43.86 -11.31 44.57
N PHE D 12 -43.79 -11.36 45.92
CA PHE D 12 -42.77 -12.14 46.62
C PHE D 12 -42.92 -13.64 46.21
N GLU D 13 -44.15 -14.19 46.36
CA GLU D 13 -44.47 -15.59 46.05
C GLU D 13 -44.13 -15.93 44.60
N ALA D 14 -44.56 -15.07 43.64
CA ALA D 14 -44.32 -15.26 42.22
C ALA D 14 -42.82 -15.26 41.88
N LEU D 15 -42.06 -14.27 42.41
CA LEU D 15 -40.63 -14.16 42.16
C LEU D 15 -39.87 -15.37 42.75
N TRP D 16 -40.21 -15.79 43.99
CA TRP D 16 -39.56 -16.94 44.61
C TRP D 16 -39.78 -18.21 43.77
N ARG D 17 -41.03 -18.43 43.29
CA ARG D 17 -41.44 -19.56 42.48
C ARG D 17 -40.77 -19.55 41.11
N ILE D 18 -40.66 -18.37 40.45
CA ILE D 18 -40.01 -18.24 39.13
C ILE D 18 -38.53 -18.68 39.25
N ASP D 20 -37.19 -20.57 41.89
CA ASP D 20 -37.23 -21.97 42.33
C ASP D 20 -37.41 -22.99 41.19
N GLU D 21 -38.23 -22.65 40.18
CA GLU D 21 -38.54 -23.55 39.09
C GLU D 21 -37.68 -23.38 37.86
N ASN D 22 -37.07 -22.19 37.64
CA ASN D 22 -36.30 -21.92 36.42
C ASN D 22 -34.81 -21.61 36.61
N TYR D 23 -34.37 -21.16 37.81
CA TYR D 23 -32.95 -20.84 38.06
C TYR D 23 -32.13 -22.13 37.96
N CYS D 24 -31.03 -22.10 37.14
CA CYS D 24 -30.23 -23.28 36.78
C CYS D 24 -29.01 -23.54 37.67
N PHE D 25 -28.62 -22.65 38.58
CA PHE D 25 -27.34 -22.85 39.25
C PHE D 25 -27.38 -22.95 40.77
N PHE D 26 -28.50 -23.41 41.35
CA PHE D 26 -28.64 -23.56 42.80
C PHE D 26 -27.56 -24.48 43.43
N ALA D 27 -27.11 -25.52 42.70
CA ALA D 27 -26.10 -26.49 43.16
C ALA D 27 -24.72 -25.84 43.42
N PHE D 28 -24.47 -24.64 42.84
CA PHE D 28 -23.20 -23.91 42.95
C PHE D 28 -23.30 -22.72 43.92
N LYS D 29 -24.38 -22.66 44.74
CA LYS D 29 -24.60 -21.54 45.66
C LYS D 29 -24.62 -22.00 47.13
N ASP D 30 -24.02 -21.18 48.04
CA ASP D 30 -23.95 -21.46 49.47
C ASP D 30 -25.33 -21.44 50.14
N VAL D 31 -26.33 -20.73 49.56
CA VAL D 31 -27.66 -20.66 50.16
C VAL D 31 -28.56 -21.80 49.70
N ASP D 32 -29.59 -22.06 50.50
CA ASP D 32 -30.69 -23.00 50.25
C ASP D 32 -31.91 -22.12 49.97
N TRP D 33 -32.54 -22.31 48.81
CA TRP D 33 -33.66 -21.49 48.36
C TRP D 33 -34.91 -21.66 49.22
N ASP D 34 -35.04 -22.80 49.93
CA ASP D 34 -36.15 -23.05 50.86
C ASP D 34 -35.98 -22.21 52.12
N ASP D 35 -34.73 -22.10 52.61
CA ASP D 35 -34.36 -21.28 53.79
CA ASP D 35 -34.39 -21.29 53.80
C ASP D 35 -34.62 -19.81 53.47
N VAL D 36 -34.29 -19.42 52.20
CA VAL D 36 -34.48 -18.08 51.69
C VAL D 36 -35.98 -17.76 51.80
N TYR D 37 -36.84 -18.69 51.30
CA TYR D 37 -38.29 -18.53 51.38
C TYR D 37 -38.74 -18.27 52.80
N ASP D 38 -38.34 -19.14 53.77
CA ASP D 38 -38.73 -19.02 55.17
C ASP D 38 -38.37 -17.67 55.78
N ARG D 39 -37.16 -17.15 55.46
CA ARG D 39 -36.69 -15.85 55.96
C ARG D 39 -37.48 -14.69 55.35
N TYR D 40 -37.55 -14.61 54.01
CA TYR D 40 -38.22 -13.48 53.33
C TYR D 40 -39.75 -13.54 53.51
N ASN D 41 -40.30 -14.73 53.79
CA ASN D 41 -41.73 -14.90 54.07
C ASN D 41 -42.16 -14.07 55.28
N LEU D 42 -41.32 -14.04 56.30
CA LEU D 42 -41.60 -13.31 57.52
C LEU D 42 -41.21 -11.82 57.43
N LEU D 43 -40.58 -11.37 56.31
CA LEU D 43 -40.16 -9.99 56.09
C LEU D 43 -41.08 -9.19 55.12
N VAL D 44 -41.63 -9.85 54.09
CA VAL D 44 -42.51 -9.22 53.09
C VAL D 44 -43.91 -9.02 53.70
N LYS D 45 -44.34 -7.74 53.81
CA LYS D 45 -45.65 -7.35 54.35
C LYS D 45 -46.43 -6.63 53.26
N ASP D 46 -47.77 -6.78 53.27
CA ASP D 46 -48.61 -6.14 52.27
C ASP D 46 -48.69 -4.61 52.45
N THR D 47 -48.17 -4.07 53.59
CA THR D 47 -48.12 -2.63 53.83
C THR D 47 -46.90 -1.97 53.16
N ASN D 49 -44.56 -0.41 50.29
CA ASN D 49 -44.78 0.32 49.06
C ASN D 49 -43.88 -0.34 47.99
N GLN D 50 -43.96 0.10 46.72
CA GLN D 50 -43.21 -0.47 45.61
C GLN D 50 -41.70 -0.38 45.78
N TYR D 51 -41.17 0.64 46.48
CA TYR D 51 -39.73 0.82 46.66
C TYR D 51 -39.18 -0.15 47.72
N GLU D 52 -39.93 -0.34 48.81
CA GLU D 52 -39.57 -1.24 49.91
C GLU D 52 -39.59 -2.68 49.42
N LEU D 53 -40.60 -3.02 48.58
CA LEU D 53 -40.70 -4.35 48.02
C LEU D 53 -39.56 -4.60 47.06
N PHE D 54 -39.29 -3.60 46.18
CA PHE D 54 -38.20 -3.71 45.21
C PHE D 54 -36.87 -3.96 45.92
N ASP D 55 -36.59 -3.21 47.01
CA ASP D 55 -35.37 -3.35 47.80
CA ASP D 55 -35.35 -3.36 47.78
C ASP D 55 -35.21 -4.77 48.37
N ILE D 56 -36.30 -5.28 49.01
CA ILE D 56 -36.27 -6.59 49.65
C ILE D 56 -36.20 -7.73 48.60
N LEU D 57 -36.93 -7.63 47.48
CA LEU D 57 -36.90 -8.68 46.45
C LEU D 57 -35.54 -8.66 45.71
N GLY D 58 -34.91 -7.48 45.59
CA GLY D 58 -33.59 -7.36 45.00
C GLY D 58 -32.56 -8.04 45.88
N LYS D 59 -32.69 -7.87 47.22
CA LYS D 59 -31.82 -8.51 48.22
C LYS D 59 -31.99 -10.02 48.19
N LEU D 61 -32.86 -11.79 45.50
CA LEU D 61 -32.17 -12.31 44.30
C LEU D 61 -30.65 -12.25 44.52
N ALA D 62 -30.16 -11.20 45.24
CA ALA D 62 -28.75 -11.02 45.55
C ALA D 62 -28.18 -12.19 46.43
N GLU D 63 -29.07 -13.05 47.03
CA GLU D 63 -28.70 -14.22 47.85
C GLU D 63 -27.95 -15.26 47.01
N VAL D 64 -28.24 -15.35 45.70
CA VAL D 64 -27.57 -16.30 44.81
C VAL D 64 -26.27 -15.71 44.24
N LYS D 65 -25.89 -14.45 44.60
CA LYS D 65 -24.62 -13.82 44.20
C LYS D 65 -24.31 -14.05 42.71
N ASP D 66 -25.28 -13.69 41.88
CA ASP D 66 -25.20 -13.90 40.44
C ASP D 66 -25.18 -12.56 39.71
N GLY D 67 -24.10 -12.33 38.97
CA GLY D 67 -23.92 -11.11 38.17
C GLY D 67 -24.83 -11.02 36.95
N HIS D 68 -25.56 -12.08 36.60
CA HIS D 68 -26.47 -12.08 35.44
C HIS D 68 -27.93 -12.17 35.86
N THR D 69 -28.21 -12.05 37.18
CA THR D 69 -29.58 -12.07 37.71
C THR D 69 -30.02 -10.64 38.06
N ASN D 70 -31.16 -10.23 37.52
CA ASN D 70 -31.66 -8.87 37.72
C ASN D 70 -33.18 -8.80 37.90
N LEU D 71 -33.61 -7.88 38.74
CA LEU D 71 -35.02 -7.53 38.94
C LEU D 71 -35.20 -6.17 38.30
N ILE D 72 -36.13 -6.04 37.34
CA ILE D 72 -36.30 -4.79 36.61
C ILE D 72 -37.67 -4.20 36.79
N SER D 73 -37.71 -2.96 37.25
CA SER D 73 -38.92 -2.14 37.40
C SER D 73 -38.74 -0.91 36.52
N SER D 74 -39.70 0.00 36.55
CA SER D 74 -39.61 1.22 35.76
C SER D 74 -38.70 2.29 36.43
N PHE D 75 -38.32 2.10 37.70
CA PHE D 75 -37.50 3.04 38.48
C PHE D 75 -36.09 2.53 38.76
N ASP D 76 -35.86 1.21 38.73
CA ASP D 76 -34.52 0.66 38.97
C ASP D 76 -34.37 -0.74 38.46
N SER D 78 -32.18 -4.15 39.86
CA SER D 78 -31.36 -4.73 40.92
C SER D 78 -30.23 -5.49 40.26
N ARG D 79 -29.08 -5.57 40.94
CA ARG D 79 -27.91 -6.25 40.40
C ARG D 79 -26.95 -6.66 41.49
N TYR D 80 -26.18 -7.72 41.22
CA TYR D 80 -25.13 -8.18 42.10
C TYR D 80 -23.86 -7.78 41.34
N TRP D 81 -23.42 -6.53 41.54
CA TRP D 81 -22.28 -5.87 40.90
CA TRP D 81 -22.26 -6.09 40.79
C TRP D 81 -20.94 -6.33 41.50
N ALA D 82 -20.95 -6.96 42.69
CA ALA D 82 -19.72 -7.43 43.34
C ALA D 82 -19.02 -8.43 42.39
N TRP D 83 -19.80 -9.20 41.61
CA TRP D 83 -19.38 -10.17 40.59
C TRP D 83 -18.34 -9.56 39.59
N TYR D 84 -18.55 -8.29 39.16
CA TYR D 84 -17.71 -7.53 38.22
C TYR D 84 -16.72 -6.62 38.95
N GLU D 85 -17.15 -5.97 40.04
CA GLU D 85 -16.34 -5.01 40.81
C GLU D 85 -15.24 -5.67 41.63
N ASP D 86 -15.33 -6.99 41.90
CA ASP D 86 -14.27 -7.66 42.66
C ASP D 86 -13.02 -7.88 41.80
N TYR D 87 -13.14 -7.62 40.48
CA TYR D 87 -12.06 -7.76 39.52
C TYR D 87 -11.63 -6.40 39.02
N PRO D 88 -10.33 -6.20 38.65
CA PRO D 88 -9.92 -4.89 38.11
C PRO D 88 -10.56 -4.63 36.74
N ALA D 89 -10.70 -3.35 36.36
CA ALA D 89 -11.26 -2.97 35.05
C ALA D 89 -10.51 -3.69 33.91
N ASN D 90 -9.15 -3.63 33.92
CA ASN D 90 -8.24 -4.26 32.94
C ASN D 90 -8.52 -3.85 31.47
N PHE D 91 -9.08 -2.63 31.28
CA PHE D 91 -9.41 -1.99 29.99
C PHE D 91 -9.76 -0.53 30.23
N TYR D 92 -9.14 0.36 29.47
CA TYR D 92 -9.33 1.80 29.50
C TYR D 92 -9.33 2.28 28.06
N LYS D 93 -10.43 2.90 27.61
CA LYS D 93 -10.60 3.35 26.23
C LYS D 93 -9.56 4.45 25.89
N GLU D 94 -9.20 5.30 26.87
CA GLU D 94 -8.21 6.37 26.73
C GLU D 94 -6.81 5.78 26.46
N ILE D 95 -6.47 4.63 27.10
CA ILE D 95 -5.17 3.95 26.88
C ILE D 95 -5.24 3.24 25.51
N GLN D 96 -6.39 2.63 25.19
CA GLN D 96 -6.60 1.98 23.90
C GLN D 96 -6.43 2.98 22.71
N ASP D 97 -6.86 4.27 22.91
CA ASP D 97 -6.71 5.36 21.93
C ASP D 97 -5.25 5.55 21.51
N ASN D 98 -4.29 5.21 22.39
CA ASN D 98 -2.85 5.31 22.08
C ASN D 98 -2.41 4.26 21.06
N TYR D 99 -3.17 3.16 20.94
CA TYR D 99 -2.88 2.07 20.01
C TYR D 99 -3.69 2.23 18.73
N LEU D 100 -4.98 2.54 18.86
CA LEU D 100 -5.85 2.70 17.69
C LEU D 100 -5.59 4.04 16.98
N GLY D 101 -5.31 5.10 17.76
CA GLY D 101 -5.08 6.42 17.18
C GLY D 101 -6.27 6.96 16.42
N THR D 102 -6.04 7.65 15.31
CA THR D 102 -7.13 8.22 14.51
C THR D 102 -7.23 7.56 13.13
N ASP D 103 -6.22 6.78 12.73
CA ASP D 103 -6.14 6.16 11.40
C ASP D 103 -6.52 4.67 11.40
N TYR D 104 -7.20 4.20 12.46
CA TYR D 104 -7.62 2.80 12.52
C TYR D 104 -8.75 2.57 11.52
N LYS D 105 -8.95 1.31 11.10
CA LYS D 105 -10.01 1.01 10.14
C LYS D 105 -11.30 0.58 10.84
N ILE D 106 -12.46 0.85 10.19
CA ILE D 106 -13.79 0.47 10.72
C ILE D 106 -14.46 -0.50 9.73
N ALA D 107 -14.76 -1.73 10.17
CA ALA D 107 -15.43 -2.74 9.35
C ALA D 107 -16.55 -3.33 10.20
N GLY D 108 -17.75 -2.77 10.03
CA GLY D 108 -18.92 -3.12 10.83
C GLY D 108 -18.68 -2.73 12.27
N GLY D 109 -18.83 -3.68 13.17
CA GLY D 109 -18.62 -3.47 14.61
C GLY D 109 -17.18 -3.57 15.05
N LYS D 111 -13.06 -2.37 15.01
CA LYS D 111 -12.01 -1.36 14.85
C LYS D 111 -10.74 -2.17 14.67
N TYR D 112 -9.95 -1.89 13.62
CA TYR D 112 -8.76 -2.71 13.42
C TYR D 112 -7.58 -1.91 12.89
N LYS D 113 -6.38 -2.32 13.29
CA LYS D 113 -5.13 -1.64 12.95
C LYS D 113 -3.93 -2.57 13.11
N ARG D 114 -2.91 -2.38 12.25
CA ARG D 114 -1.66 -3.12 12.37
C ARG D 114 -0.76 -2.43 13.39
N LEU D 115 -0.19 -3.22 14.30
CA LEU D 115 0.73 -2.74 15.32
C LEU D 115 2.13 -3.39 15.13
N ALA D 116 3.13 -2.90 15.89
CA ALA D 116 4.51 -3.39 15.95
C ALA D 116 5.15 -3.54 14.55
N ASP D 117 5.36 -2.40 13.85
CA ASP D 117 5.97 -2.32 12.51
C ASP D 117 5.25 -3.26 11.51
N ASP D 118 3.89 -3.25 11.56
CA ASP D 118 2.94 -3.99 10.71
C ASP D 118 3.04 -5.52 10.85
N GLN D 119 3.64 -6.03 11.93
CA GLN D 119 3.79 -7.47 12.15
C GLN D 119 2.60 -8.08 12.88
N ILE D 120 1.81 -7.26 13.58
CA ILE D 120 0.70 -7.74 14.40
C ILE D 120 -0.59 -7.04 14.04
N GLY D 121 -1.62 -7.86 13.80
CA GLY D 121 -2.94 -7.37 13.50
C GLY D 121 -3.71 -7.21 14.80
N TYR D 122 -4.28 -6.03 15.04
CA TYR D 122 -5.05 -5.79 16.25
C TYR D 122 -6.52 -5.50 15.88
N VAL D 123 -7.46 -6.24 16.49
CA VAL D 123 -8.89 -6.01 16.31
C VAL D 123 -9.53 -5.72 17.68
N TYR D 124 -10.35 -4.68 17.75
CA TYR D 124 -11.17 -4.44 18.92
C TYR D 124 -12.63 -4.67 18.51
N TYR D 125 -13.30 -5.58 19.19
CA TYR D 125 -14.70 -5.86 18.94
C TYR D 125 -15.46 -5.63 20.28
N GLY D 126 -16.00 -4.43 20.43
CA GLY D 126 -16.66 -3.98 21.65
C GLY D 126 -18.04 -4.52 21.94
N SER D 127 -18.78 -4.97 20.91
CA SER D 127 -20.15 -5.45 21.14
C SER D 127 -20.58 -6.49 20.10
N PHE D 128 -21.13 -7.63 20.54
CA PHE D 128 -21.71 -8.65 19.65
C PHE D 128 -23.10 -8.20 19.15
N SER D 129 -23.56 -6.96 19.52
CA SER D 129 -24.81 -6.34 19.05
C SER D 129 -24.52 -5.53 17.78
N SER D 130 -23.26 -5.14 17.59
CA SER D 130 -22.79 -4.41 16.42
C SER D 130 -22.29 -5.44 15.42
N GLY D 131 -23.07 -5.67 14.39
CA GLY D 131 -22.83 -6.69 13.38
C GLY D 131 -21.52 -6.59 12.64
N VAL D 132 -21.08 -7.73 12.15
CA VAL D 132 -19.88 -7.94 11.36
C VAL D 132 -20.31 -8.86 10.22
N GLY D 133 -20.15 -8.37 8.99
CA GLY D 133 -20.49 -9.13 7.80
C GLY D 133 -19.34 -10.00 7.36
N GLU D 134 -19.59 -10.89 6.41
CA GLU D 134 -18.60 -11.79 5.82
C GLU D 134 -17.50 -11.01 5.09
N ASN D 135 -17.87 -9.92 4.39
CA ASN D 135 -16.92 -9.05 3.67
C ASN D 135 -16.05 -8.30 4.67
N ASN D 136 -16.65 -7.77 5.76
CA ASN D 136 -15.94 -7.09 6.84
C ASN D 136 -14.77 -7.93 7.34
N LEU D 137 -15.06 -9.23 7.63
CA LEU D 137 -14.07 -10.19 8.08
C LEU D 137 -13.01 -10.46 7.04
N ASP D 138 -13.40 -10.69 5.77
CA ASP D 138 -12.47 -10.94 4.66
C ASP D 138 -11.50 -9.78 4.47
N TYR D 139 -12.01 -8.54 4.57
CA TYR D 139 -11.19 -7.32 4.40
C TYR D 139 -10.23 -7.14 5.56
N PHE D 141 -8.98 -9.55 7.54
CA PHE D 141 -7.95 -10.58 7.38
C PHE D 141 -6.99 -10.25 6.26
N ALA D 142 -7.47 -9.72 5.12
CA ALA D 142 -6.61 -9.33 3.99
C ALA D 142 -5.65 -8.19 4.40
N HIS D 143 -6.13 -7.26 5.24
CA HIS D 143 -5.31 -6.15 5.73
C HIS D 143 -4.13 -6.68 6.60
N PHE D 144 -4.33 -7.88 7.18
CA PHE D 144 -3.38 -8.56 8.07
C PHE D 144 -2.70 -9.77 7.44
N LYS D 145 -2.78 -9.93 6.12
CA LYS D 145 -2.27 -11.15 5.47
C LYS D 145 -0.73 -11.37 5.67
N GLU D 146 0.03 -10.29 5.96
CA GLU D 146 1.48 -10.36 6.16
C GLU D 146 1.85 -10.32 7.66
N CYS D 147 0.85 -10.29 8.54
CA CYS D 147 1.07 -10.25 9.98
C CYS D 147 1.45 -11.65 10.55
N LYS D 148 2.34 -11.63 11.55
CA LYS D 148 2.82 -12.83 12.25
C LYS D 148 1.73 -13.42 13.12
N GLY D 149 0.88 -12.55 13.66
CA GLY D 149 -0.19 -12.93 14.56
C GLY D 149 -1.28 -11.90 14.66
N LEU D 150 -2.38 -12.31 15.28
CA LEU D 150 -3.55 -11.48 15.44
C LEU D 150 -3.92 -11.34 16.89
N ILE D 151 -4.26 -10.11 17.32
CA ILE D 151 -4.82 -9.82 18.63
C ILE D 151 -6.32 -9.56 18.44
N PHE D 152 -7.19 -10.41 19.00
CA PHE D 152 -8.65 -10.22 18.92
C PHE D 152 -9.13 -9.82 20.32
N ASP D 153 -9.30 -8.52 20.52
CA ASP D 153 -9.66 -7.95 21.81
C ASP D 153 -11.18 -7.83 22.01
N VAL D 154 -11.72 -8.59 22.98
CA VAL D 154 -13.15 -8.59 23.33
C VAL D 154 -13.33 -8.16 24.82
N ARG D 155 -12.38 -7.37 25.35
CA ARG D 155 -12.51 -6.83 26.70
C ARG D 155 -13.63 -5.80 26.68
N ASP D 156 -14.43 -5.75 27.77
CA ASP D 156 -15.57 -4.82 27.89
C ASP D 156 -16.66 -5.10 26.86
N ASN D 157 -16.74 -6.34 26.36
CA ASN D 157 -17.77 -6.72 25.42
C ASN D 157 -18.80 -7.57 26.18
N GLY D 158 -19.93 -6.93 26.52
CA GLY D 158 -21.04 -7.51 27.27
C GLY D 158 -21.93 -8.45 26.50
N GLY D 159 -21.52 -8.83 25.29
CA GLY D 159 -22.25 -9.79 24.47
C GLY D 159 -23.12 -9.14 23.42
N GLY D 160 -24.15 -9.87 23.02
CA GLY D 160 -25.08 -9.46 21.97
C GLY D 160 -25.60 -10.64 21.18
N SER D 161 -25.54 -10.57 19.85
CA SER D 161 -26.04 -11.63 19.00
C SER D 161 -25.09 -12.83 18.87
N LEU D 163 -25.30 -14.94 16.39
CA LEU D 163 -25.02 -15.08 14.98
C LEU D 163 -23.57 -14.69 14.70
N TYR D 164 -23.15 -13.47 15.16
CA TYR D 164 -21.82 -12.92 14.93
C TYR D 164 -20.76 -13.69 15.70
N SER D 165 -21.13 -14.26 16.84
CA SER D 165 -20.22 -15.08 17.62
C SER D 165 -19.83 -16.33 16.79
N ASP D 166 -20.82 -17.07 16.20
CA ASP D 166 -20.55 -18.23 15.33
C ASP D 166 -19.82 -17.81 14.05
N ARG D 167 -20.22 -16.67 13.45
CA ARG D 167 -19.63 -16.15 12.21
C ARG D 167 -18.14 -15.82 12.39
N ILE D 168 -17.77 -15.15 13.51
CA ILE D 168 -16.37 -14.80 13.73
C ILE D 168 -15.55 -16.07 14.07
N ALA D 169 -16.00 -16.87 15.07
CA ALA D 169 -15.29 -18.07 15.52
C ALA D 169 -15.02 -19.09 14.39
N SER D 170 -15.96 -19.23 13.42
CA SER D 170 -15.82 -20.19 12.30
C SER D 170 -14.66 -19.85 11.36
N ARG D 171 -14.13 -18.61 11.46
CA ARG D 171 -13.00 -18.16 10.66
C ARG D 171 -11.65 -18.70 11.20
N PHE D 172 -11.65 -19.34 12.36
CA PHE D 172 -10.41 -19.81 12.98
C PHE D 172 -10.36 -21.35 13.04
N LEU D 173 -11.35 -22.02 12.42
CA LEU D 173 -11.46 -23.47 12.42
C LEU D 173 -10.79 -24.11 11.21
N GLU D 174 -10.20 -25.30 11.41
CA GLU D 174 -9.57 -26.09 10.36
C GLU D 174 -10.57 -27.15 9.87
N GLU D 175 -11.41 -27.61 10.79
CA GLU D 175 -12.41 -28.65 10.58
C GLU D 175 -13.56 -28.46 11.57
N ARG D 176 -14.68 -29.16 11.31
CA ARG D 176 -15.86 -29.19 12.15
C ARG D 176 -15.43 -29.71 13.55
N ILE D 177 -15.90 -29.07 14.62
CA ILE D 177 -15.52 -29.44 15.98
C ILE D 177 -16.71 -29.36 16.91
N LEU D 178 -16.62 -30.11 18.01
CA LEU D 178 -17.53 -30.04 19.14
C LEU D 178 -17.11 -28.80 19.92
N THR D 179 -18.04 -27.85 20.16
CA THR D 179 -17.71 -26.59 20.85
C THR D 179 -18.08 -26.65 22.33
N GLY D 180 -18.96 -27.57 22.67
CA GLY D 180 -19.45 -27.77 24.02
C GLY D 180 -20.84 -28.37 24.01
N TYR D 181 -21.57 -28.16 25.11
CA TYR D 181 -22.91 -28.72 25.30
C TYR D 181 -23.88 -27.71 25.91
N THR D 182 -25.17 -27.93 25.67
CA THR D 182 -26.25 -27.15 26.28
C THR D 182 -27.20 -28.12 26.97
N GLN D 183 -27.82 -27.65 28.06
CA GLN D 183 -28.82 -28.38 28.84
C GLN D 183 -30.01 -27.45 28.99
N TYR D 184 -31.25 -27.97 28.96
CA TYR D 184 -32.44 -27.12 29.11
C TYR D 184 -33.14 -27.49 30.41
N LYS D 185 -33.74 -26.48 31.10
CA LYS D 185 -34.48 -26.71 32.34
C LYS D 185 -35.76 -27.44 31.97
N LYS D 186 -35.81 -28.71 32.32
CA LYS D 186 -36.83 -29.71 31.97
C LYS D 186 -38.02 -29.81 33.01
N GLY D 187 -37.80 -29.35 34.25
CA GLY D 187 -38.81 -29.40 35.29
C GLY D 187 -38.55 -28.39 36.38
N ASN D 188 -39.33 -28.44 37.45
CA ASN D 188 -39.23 -27.52 38.59
C ASN D 188 -38.01 -27.82 39.48
N GLY D 189 -37.63 -29.12 39.61
CA GLY D 189 -36.47 -29.58 40.37
C GLY D 189 -35.20 -28.82 40.00
N HIS D 190 -34.43 -28.38 41.01
CA HIS D 190 -33.22 -27.55 40.83
C HIS D 190 -32.15 -28.17 39.90
N ASN D 191 -32.13 -29.50 39.79
CA ASN D 191 -31.19 -30.23 38.94
C ASN D 191 -31.90 -31.01 37.84
N ASP D 192 -33.18 -30.65 37.55
CA ASP D 192 -33.98 -31.32 36.53
C ASP D 192 -33.71 -30.73 35.15
N PHE D 193 -32.64 -31.19 34.52
CA PHE D 193 -32.23 -30.76 33.18
C PHE D 193 -32.26 -31.92 32.17
N THR D 194 -32.26 -31.56 30.87
CA THR D 194 -32.15 -32.52 29.76
C THR D 194 -30.68 -32.97 29.72
N GLN D 195 -30.39 -34.07 29.02
CA GLN D 195 -29.02 -34.57 28.87
C GLN D 195 -28.21 -33.56 28.08
N PRO D 196 -26.89 -33.40 28.36
CA PRO D 196 -26.09 -32.43 27.59
C PRO D 196 -26.21 -32.67 26.07
N ASN D 197 -26.61 -31.63 25.34
CA ASN D 197 -26.80 -31.69 23.90
C ASN D 197 -25.55 -31.11 23.24
N PRO D 198 -24.82 -31.91 22.41
CA PRO D 198 -23.62 -31.39 21.76
C PRO D 198 -23.90 -30.30 20.74
N VAL D 199 -23.06 -29.27 20.75
CA VAL D 199 -23.11 -28.14 19.83
C VAL D 199 -21.85 -28.20 18.99
N TYR D 200 -21.99 -28.14 17.66
CA TYR D 200 -20.87 -28.19 16.75
C TYR D 200 -20.76 -26.90 15.96
N LEU D 201 -19.54 -26.62 15.47
CA LEU D 201 -19.27 -25.48 14.61
C LEU D 201 -18.44 -25.96 13.43
N SER D 202 -18.83 -25.53 12.23
CA SER D 202 -18.15 -25.89 11.01
C SER D 202 -17.27 -24.74 10.57
N PRO D 203 -16.12 -25.02 9.91
CA PRO D 203 -15.28 -23.92 9.45
C PRO D 203 -15.97 -23.12 8.37
N SER D 204 -15.60 -21.87 8.23
CA SER D 204 -16.13 -20.98 7.21
C SER D 204 -15.57 -21.36 5.85
N ASP D 205 -16.33 -21.05 4.78
CA ASP D 205 -15.91 -21.23 3.37
C ASP D 205 -15.17 -19.96 2.89
N ARG D 206 -15.18 -18.90 3.72
CA ARG D 206 -14.54 -17.62 3.44
C ARG D 206 -13.07 -17.61 3.99
N THR D 207 -12.42 -16.43 4.07
CA THR D 207 -11.03 -16.32 4.56
C THR D 207 -10.92 -16.77 6.01
N ARG D 208 -9.95 -17.67 6.29
CA ARG D 208 -9.71 -18.23 7.62
C ARG D 208 -8.33 -17.81 8.13
N TRP D 209 -8.18 -17.74 9.46
CA TRP D 209 -6.92 -17.35 10.11
C TRP D 209 -6.40 -18.50 10.93
N LEU D 210 -5.32 -19.12 10.48
CA LEU D 210 -4.76 -20.29 11.16
C LEU D 210 -3.42 -19.97 11.81
N ARG D 211 -2.95 -18.73 11.69
CA ARG D 211 -1.72 -18.23 12.32
C ARG D 211 -2.01 -17.95 13.81
N PRO D 212 -0.97 -17.71 14.67
CA PRO D 212 -1.28 -17.48 16.10
C PRO D 212 -2.27 -16.33 16.35
N VAL D 213 -3.14 -16.50 17.35
CA VAL D 213 -4.14 -15.53 17.78
C VAL D 213 -4.09 -15.36 19.29
N ILE D 214 -4.10 -14.12 19.77
CA ILE D 214 -4.27 -13.82 21.19
C ILE D 214 -5.64 -13.18 21.36
N VAL D 215 -6.52 -13.85 22.11
CA VAL D 215 -7.86 -13.33 22.44
C VAL D 215 -7.73 -12.61 23.78
N LEU D 216 -8.10 -11.32 23.83
CA LEU D 216 -8.00 -10.56 25.09
C LEU D 216 -9.34 -10.52 25.81
N THR D 217 -9.35 -10.88 27.11
CA THR D 217 -10.58 -10.92 27.92
C THR D 217 -10.43 -10.19 29.24
N ASN D 218 -11.55 -9.76 29.83
CA ASN D 218 -11.61 -9.17 31.17
C ASN D 218 -12.94 -9.55 31.78
N ARG D 219 -13.17 -9.23 33.08
CA ARG D 219 -14.41 -9.59 33.77
C ARG D 219 -15.63 -8.98 33.08
N HIS D 220 -15.42 -7.92 32.25
CA HIS D 220 -16.49 -7.27 31.50
C HIS D 220 -16.69 -7.92 30.10
N SER D 221 -16.10 -9.11 29.86
CA SER D 221 -16.31 -9.97 28.69
C SER D 221 -17.33 -11.01 29.15
N TYR D 222 -18.60 -10.91 28.72
CA TYR D 222 -19.58 -11.87 29.22
C TYR D 222 -20.72 -12.10 28.25
N SER D 223 -21.61 -13.06 28.62
CA SER D 223 -22.78 -13.50 27.84
C SER D 223 -22.32 -14.11 26.52
N ALA D 224 -22.76 -13.61 25.33
CA ALA D 224 -22.34 -14.18 24.05
C ALA D 224 -20.79 -14.18 23.90
N THR D 225 -20.12 -13.20 24.52
CA THR D 225 -18.66 -13.09 24.51
C THR D 225 -18.03 -14.28 25.26
N ASN D 226 -18.68 -14.73 26.35
CA ASN D 226 -18.23 -15.87 27.13
C ASN D 226 -18.28 -17.13 26.26
N ASP D 227 -19.36 -17.30 25.46
CA ASP D 227 -19.51 -18.45 24.55
C ASP D 227 -18.49 -18.39 23.40
N PHE D 228 -18.19 -17.18 22.89
CA PHE D 228 -17.21 -16.93 21.86
C PHE D 228 -15.81 -17.37 22.38
N VAL D 229 -15.44 -16.90 23.58
CA VAL D 229 -14.17 -17.21 24.23
C VAL D 229 -14.06 -18.73 24.43
N ASN D 230 -15.17 -19.38 24.83
CA ASN D 230 -15.22 -20.83 25.02
C ASN D 230 -14.82 -21.60 23.77
N VAL D 231 -15.30 -21.15 22.60
CA VAL D 231 -14.99 -21.82 21.34
C VAL D 231 -13.52 -21.52 20.94
N ARG D 233 -10.81 -20.77 22.74
CA ARG D 233 -9.79 -21.45 23.55
C ARG D 233 -9.65 -22.94 23.21
N LEU D 234 -10.52 -23.50 22.35
CA LEU D 234 -10.41 -24.90 21.91
C LEU D 234 -9.45 -25.05 20.75
N LEU D 235 -9.07 -23.93 20.14
CA LEU D 235 -8.29 -23.91 18.91
C LEU D 235 -6.79 -23.86 19.19
N PRO D 236 -6.02 -24.70 18.45
CA PRO D 236 -4.57 -24.81 18.72
C PRO D 236 -3.75 -23.52 18.53
N GLN D 237 -4.16 -22.62 17.61
CA GLN D 237 -3.41 -21.38 17.36
C GLN D 237 -3.84 -20.26 18.33
N VAL D 238 -4.84 -20.50 19.20
CA VAL D 238 -5.37 -19.45 20.07
C VAL D 238 -4.86 -19.53 21.50
N THR D 239 -4.46 -18.37 22.02
CA THR D 239 -4.11 -18.16 23.43
C THR D 239 -5.06 -17.09 23.94
N VAL D 240 -5.70 -17.34 25.09
CA VAL D 240 -6.57 -16.35 25.74
C VAL D 240 -5.74 -15.65 26.82
N GLY D 242 -5.45 -12.09 29.66
CA GLY D 242 -6.09 -11.02 30.39
C GLY D 242 -6.62 -11.51 31.72
N ASP D 243 -7.92 -11.37 31.91
CA ASP D 243 -8.56 -11.78 33.15
C ASP D 243 -9.72 -12.74 32.87
N ARG D 244 -10.21 -13.40 33.93
CA ARG D 244 -11.35 -14.29 33.87
C ARG D 244 -12.54 -13.53 33.25
N THR D 245 -13.30 -14.17 32.35
CA THR D 245 -14.50 -13.55 31.78
C THR D 245 -15.59 -13.37 32.88
N GLY D 246 -16.59 -12.53 32.60
CA GLY D 246 -17.74 -12.32 33.47
C GLY D 246 -18.77 -13.43 33.43
N GLY D 247 -18.53 -14.48 32.64
CA GLY D 247 -19.43 -15.63 32.53
C GLY D 247 -20.73 -15.35 31.82
N GLY D 248 -21.79 -16.04 32.22
CA GLY D 248 -23.09 -15.91 31.55
C GLY D 248 -23.15 -16.78 30.31
N SER D 249 -24.31 -16.80 29.62
CA SER D 249 -24.50 -17.66 28.47
C SER D 249 -25.04 -16.97 27.22
N GLY D 250 -25.61 -15.79 27.33
CA GLY D 250 -26.21 -15.16 26.13
C GLY D 250 -27.54 -15.79 25.70
N LEU D 251 -28.08 -16.68 26.55
CA LEU D 251 -29.39 -17.31 26.36
C LEU D 251 -30.22 -16.97 27.60
N PRO D 252 -30.85 -15.78 27.56
CA PRO D 252 -31.54 -15.30 28.77
C PRO D 252 -32.95 -15.80 28.96
N PHE D 253 -33.30 -15.96 30.23
CA PHE D 253 -34.64 -16.24 30.72
C PHE D 253 -35.15 -14.94 31.22
N SER D 254 -36.41 -14.66 30.97
CA SER D 254 -37.09 -13.53 31.54
C SER D 254 -38.53 -13.93 31.77
N SER D 255 -39.11 -13.38 32.82
CA SER D 255 -40.47 -13.59 33.18
C SER D 255 -40.98 -12.34 33.86
N GLU D 256 -42.26 -12.03 33.68
CA GLU D 256 -42.87 -10.87 34.34
C GLU D 256 -43.47 -11.29 35.68
N LEU D 257 -43.50 -10.36 36.63
CA LEU D 257 -44.13 -10.56 37.94
C LEU D 257 -45.57 -10.06 37.85
N PRO D 258 -46.48 -10.40 38.80
CA PRO D 258 -47.84 -9.84 38.75
C PRO D 258 -47.89 -8.31 38.70
N ASN D 259 -46.91 -7.60 39.30
CA ASN D 259 -46.85 -6.12 39.31
C ASN D 259 -46.21 -5.51 38.03
N GLY D 260 -45.87 -6.34 37.07
CA GLY D 260 -45.29 -5.84 35.82
C GLY D 260 -43.78 -5.75 35.78
N TRP D 261 -43.11 -5.98 36.92
CA TRP D 261 -41.64 -5.99 36.93
C TRP D 261 -41.20 -7.26 36.26
N SER D 262 -39.96 -7.32 35.85
CA SER D 262 -39.51 -8.54 35.25
C SER D 262 -38.21 -9.01 35.93
N VAL D 263 -38.01 -10.32 35.97
CA VAL D 263 -36.83 -10.97 36.48
C VAL D 263 -36.11 -11.62 35.28
N ARG D 264 -34.81 -11.49 35.26
CA ARG D 264 -34.04 -12.12 34.21
C ARG D 264 -32.80 -12.78 34.83
N PHE D 265 -32.36 -13.87 34.20
CA PHE D 265 -31.16 -14.65 34.54
C PHE D 265 -30.89 -15.58 33.37
N SER D 266 -29.80 -16.37 33.41
CA SER D 266 -29.47 -17.31 32.32
C SER D 266 -30.46 -18.45 32.31
N ALA D 267 -30.99 -18.76 31.11
CA ALA D 267 -32.02 -19.78 30.88
C ALA D 267 -31.50 -21.19 30.81
N CYS D 268 -30.26 -21.36 30.31
CA CYS D 268 -29.70 -22.71 30.10
CA CYS D 268 -29.72 -22.70 30.13
C CYS D 268 -28.24 -22.81 30.58
N PRO D 269 -27.85 -23.91 31.27
CA PRO D 269 -26.43 -24.07 31.58
C PRO D 269 -25.66 -24.49 30.30
N VAL D 270 -24.56 -23.79 30.00
CA VAL D 270 -23.67 -24.04 28.86
C VAL D 270 -22.43 -24.74 29.43
N LEU D 271 -22.08 -25.89 28.85
CA LEU D 271 -20.94 -26.67 29.29
C LEU D 271 -19.83 -26.66 28.25
N ASP D 272 -18.59 -26.75 28.72
CA ASP D 272 -17.45 -26.84 27.81
C ASP D 272 -17.32 -28.31 27.31
N VAL D 273 -16.27 -28.64 26.53
CA VAL D 273 -16.07 -29.97 25.97
C VAL D 273 -15.80 -31.02 27.07
N ASN D 274 -15.44 -30.58 28.30
CA ASN D 274 -15.20 -31.46 29.44
C ASN D 274 -16.45 -31.52 30.35
N LYS D 275 -17.59 -31.00 29.84
CA LYS D 275 -18.90 -30.94 30.49
C LYS D 275 -18.88 -30.11 31.79
N GLN D 276 -17.96 -29.11 31.84
CA GLN D 276 -17.83 -28.18 32.97
C GLN D 276 -18.59 -26.90 32.65
N HIS D 277 -19.24 -26.32 33.67
CA HIS D 277 -20.03 -25.09 33.58
C HIS D 277 -19.16 -23.88 33.27
N THR D 278 -19.57 -23.06 32.27
CA THR D 278 -18.84 -21.84 31.86
C THR D 278 -19.55 -20.56 32.42
N GLU D 279 -20.70 -20.74 33.07
CA GLU D 279 -21.55 -19.66 33.61
C GLU D 279 -20.80 -18.70 34.55
N PHE D 280 -19.89 -19.24 35.35
CA PHE D 280 -19.21 -18.48 36.38
C PHE D 280 -17.95 -17.76 35.86
N GLY D 281 -17.67 -17.90 34.57
CA GLY D 281 -16.51 -17.27 33.91
C GLY D 281 -15.54 -18.29 33.36
N ILE D 282 -14.65 -17.85 32.47
CA ILE D 282 -13.60 -18.68 31.87
C ILE D 282 -12.24 -18.02 32.17
N ASP D 283 -11.29 -18.78 32.77
CA ASP D 283 -9.96 -18.27 33.08
C ASP D 283 -9.12 -18.13 31.81
N PRO D 284 -8.30 -17.06 31.68
CA PRO D 284 -7.41 -16.98 30.51
C PRO D 284 -6.29 -18.03 30.60
N ASP D 285 -5.60 -18.29 29.48
CA ASP D 285 -4.45 -19.19 29.45
C ASP D 285 -3.30 -18.51 30.18
N THR D 286 -3.16 -17.18 29.99
CA THR D 286 -2.15 -16.35 30.62
C THR D 286 -2.83 -15.17 31.29
N ALA D 287 -2.73 -15.12 32.63
CA ALA D 287 -3.29 -14.02 33.42
C ALA D 287 -2.38 -12.78 33.29
N VAL D 288 -2.93 -11.67 32.77
CA VAL D 288 -2.23 -10.40 32.62
C VAL D 288 -3.17 -9.31 33.10
N ALA D 289 -2.68 -8.41 33.95
CA ALA D 289 -3.43 -7.29 34.51
C ALA D 289 -2.77 -5.98 34.13
N ILE D 290 -3.59 -4.93 33.82
CA ILE D 290 -3.05 -3.60 33.51
C ILE D 290 -2.48 -3.05 34.83
N THR D 291 -1.23 -2.55 34.79
CA THR D 291 -0.56 -2.07 35.99
C THR D 291 -0.61 -0.53 36.07
N GLY D 292 -0.44 -0.01 37.30
CA GLY D 292 -0.43 1.41 37.62
C GLY D 292 0.69 2.13 36.92
N GLU D 293 1.84 1.45 36.82
CA GLU D 293 3.03 1.97 36.15
C GLU D 293 2.76 2.15 34.67
N ASP D 294 1.99 1.20 34.07
CA ASP D 294 1.62 1.21 32.65
C ASP D 294 0.57 2.29 32.34
N ILE D 295 -0.43 2.50 33.23
CA ILE D 295 -1.45 3.54 33.07
C ILE D 295 -0.75 4.92 32.97
N LYS D 297 2.27 5.46 31.96
CA LYS D 297 3.06 5.51 30.72
C LYS D 297 2.15 5.49 29.46
N GLY D 298 0.83 5.45 29.68
CA GLY D 298 -0.17 5.39 28.61
C GLY D 298 -0.15 4.06 27.86
N ARG D 299 0.34 3.00 28.54
CA ARG D 299 0.48 1.65 27.99
C ARG D 299 -0.54 0.69 28.54
N ASP D 300 -0.95 -0.26 27.70
CA ASP D 300 -1.86 -1.33 28.07
C ASP D 300 -1.01 -2.59 28.25
N THR D 301 -0.78 -3.00 29.52
CA THR D 301 0.01 -4.19 29.88
C THR D 301 -0.44 -5.44 29.10
N ILE D 302 -1.75 -5.61 28.88
CA ILE D 302 -2.33 -6.78 28.20
C ILE D 302 -2.00 -6.72 26.69
N ILE D 303 -2.20 -5.56 26.03
CA ILE D 303 -1.85 -5.46 24.60
C ILE D 303 -0.33 -5.68 24.42
N GLU D 304 0.50 -5.10 25.32
CA GLU D 304 1.96 -5.22 25.28
C GLU D 304 2.43 -6.67 25.45
N ALA D 305 1.86 -7.40 26.41
CA ALA D 305 2.17 -8.82 26.67
C ALA D 305 1.78 -9.67 25.47
N ALA D 306 0.60 -9.38 24.86
CA ALA D 306 0.12 -10.09 23.68
C ALA D 306 1.08 -9.85 22.48
N ILE D 307 1.53 -8.59 22.28
CA ILE D 307 2.50 -8.21 21.23
C ILE D 307 3.81 -8.99 21.47
N GLY D 308 4.31 -8.96 22.72
CA GLY D 308 5.53 -9.66 23.11
C GLY D 308 5.50 -11.15 22.83
N LEU D 309 4.39 -11.79 23.22
CA LEU D 309 4.18 -13.22 23.00
C LEU D 309 4.17 -13.58 21.51
N LEU D 310 3.43 -12.83 20.68
CA LEU D 310 3.33 -13.08 19.23
C LEU D 310 4.66 -12.84 18.50
N LEU D 311 5.48 -11.90 19.00
CA LEU D 311 6.76 -11.58 18.35
C LEU D 311 7.86 -12.50 18.83
N ALA D 312 7.64 -13.20 19.99
CA ALA D 312 8.62 -14.13 20.56
C ALA D 312 8.88 -15.31 19.62
#